data_6KID
#
_entry.id   6KID
#
_cell.length_a   137.224
_cell.length_b   137.224
_cell.length_c   433.321
_cell.angle_alpha   90.000
_cell.angle_beta   90.000
_cell.angle_gamma   120.000
#
_symmetry.space_group_name_H-M   'P 65 2 2'
#
loop_
_entity.id
_entity.type
_entity.pdbx_description
1 polymer 'Leucine--tRNA ligase, cytoplasmic'
2 non-polymer "ADENOSINE-5'-TRIPHOSPHATE"
3 non-polymer LEUCINE
4 non-polymer 'PHOSPHATE ION'
5 water water
#
_entity_poly.entity_id   1
_entity_poly.type   'polypeptide(L)'
_entity_poly.pdbx_seq_one_letter_code
;MRGSHHHHHHGSMAERKGTAKVDFLKKIEKEIQQKWDTERVFEVNASNLEKQTSKGKYFVTFPYPYMNGRLHLGHTFSLS
KCEFAVGYQRLKGKCCLFPFGLHCTGMPIKACADKLKREIELYGCPPDFPDEEEEEEETSVKTEDIIIKDKAKGKKSKAA
AKAGSSKYQWGIMKSLGLSDEEIVKFSEAEHWLDYFPPLAIQDLKRMGLKVDWRRSFITTDVNPYYDSFVRWQFLTLRER
NKIKFGKRYTIYSPKDGQPCMDHDRQTGEGVGPQEYTLLKLKVLEPYPSKLSGLKGKNIFLVAATLRPETMFGQTNCWVR
PDMKYIGFETVNGDIFICTQKAARNMSYQGFTKDNGVVPVVKELMGEEILGASLSAPLTSYKVIYVLPMLTIKEDKGTGV
VTSVPSDSPDDIAALRDLKKKQALRAKYGIRDDMVLPFEPVPVIEIPGFGNLSAVTICDELKIQSQNDREKLAEAKEKIY
LKGFYEGIMLVDGFKGQKVQDVKKTIQKKMIDAGDALIYMEPEKQVMSRSSDECVVALCDQWYLDYGEENWKKQTSQCLK
NLETFCEETRRNFEATLGWLQEHACSRTYGLGTHLPWDEQWLIESLSDSTIYMAFYTVAHLLQGGNLHGQAESPLGIRPQ
QMTKEVWDYVFFKEAPFPKTQIAKEKLDQLKQEFEFWYPVDLRVSGKDLVPNHLSYYLYNHVAMWPEQSDKWPTAVRANG
HLLLNSEKMSKSTGNFLTLTQAIDKFSADGMRLALADAGDTVEDANFVEAMADAGILRLYTWVEWVKEMVANWDSLRSGP
ASTFNDRVFASELNAGIIKTDQNYEKMMFKEALKTGFFEFQAAKDKYRELAVEGMHRELVFRFIEVQTLLLAPFCPHLCE
HIWTLLGKPDSIMNASWPVAGPVNEVLIHSSQYLMEVTHDLRLRLKNYMMPAKGKKTDKQPLQKPSHCTIYVAKNYPPWQ
HTTLSVLRKHFEANNGKLPDNKVIASELGSMPELKKYMKKVMPFVAMIKENLEKMGPRILDLQLEFDEKAVLMENIVYLT
NSLELEHIEVKFASEAEDKIREDCCPGKPLNVFRIEPGVSVSLVNPQPSNGHFSTKIEIRQGDNCDSIIRRLMKMNRGIK
DLSKVKLMRFDDPLLGPRRVPVLGKEYTEKTPISEHAVFNVDLMSKKIHLTENGIRVDIGDTIIYLVH
;
_entity_poly.pdbx_strand_id   A
#
# COMPACT_ATOMS: atom_id res chain seq x y z
N THR A 19 -35.10 4.51 -5.07
CA THR A 19 -35.09 5.19 -3.78
C THR A 19 -34.95 4.15 -2.63
N ALA A 20 -35.93 3.23 -2.52
CA ALA A 20 -35.94 2.08 -1.58
C ALA A 20 -35.38 0.81 -2.22
N LYS A 21 -34.67 1.07 -3.32
CA LYS A 21 -33.57 0.26 -3.78
C LYS A 21 -32.80 -0.41 -2.65
N VAL A 22 -32.46 0.35 -1.62
CA VAL A 22 -31.34 0.01 -0.77
C VAL A 22 -31.78 -0.30 0.66
N ASP A 23 -32.88 0.32 1.14
CA ASP A 23 -33.38 0.01 2.47
C ASP A 23 -33.74 -1.46 2.56
N PHE A 24 -34.27 -2.02 1.44
CA PHE A 24 -34.70 -3.42 1.40
C PHE A 24 -33.54 -4.37 1.65
N LEU A 25 -32.42 -4.18 0.95
CA LEU A 25 -31.23 -4.95 1.28
C LEU A 25 -30.90 -4.96 2.78
N LYS A 26 -30.80 -3.77 3.38
CA LYS A 26 -30.49 -3.68 4.81
C LYS A 26 -31.60 -4.24 5.68
N LYS A 27 -32.75 -4.60 5.11
CA LYS A 27 -33.77 -5.28 5.91
C LYS A 27 -33.40 -6.74 6.14
N ILE A 28 -33.20 -7.48 5.05
CA ILE A 28 -32.70 -8.85 5.14
C ILE A 28 -31.35 -8.85 5.80
N GLU A 29 -30.52 -7.85 5.46
CA GLU A 29 -29.13 -7.85 5.88
C GLU A 29 -29.03 -8.06 7.38
N LYS A 30 -29.65 -7.16 8.14
CA LYS A 30 -29.48 -7.18 9.58
C LYS A 30 -30.06 -8.44 10.19
N GLU A 31 -31.13 -8.95 9.59
CA GLU A 31 -31.73 -10.20 10.04
C GLU A 31 -30.78 -11.38 9.90
N ILE A 32 -30.24 -11.55 8.70
CA ILE A 32 -29.27 -12.62 8.49
C ILE A 32 -28.15 -12.46 9.50
N GLN A 33 -27.72 -11.22 9.72
CA GLN A 33 -26.67 -10.97 10.70
C GLN A 33 -27.03 -11.60 12.03
N GLN A 34 -28.30 -11.51 12.44
CA GLN A 34 -28.77 -12.04 13.72
C GLN A 34 -29.23 -13.49 13.62
N LYS A 35 -29.38 -14.03 12.41
CA LYS A 35 -29.36 -15.48 12.29
C LYS A 35 -27.93 -15.97 12.44
N TRP A 36 -27.00 -15.34 11.72
CA TRP A 36 -25.62 -15.80 11.74
C TRP A 36 -25.05 -15.85 13.14
N ASP A 37 -25.50 -14.99 14.05
CA ASP A 37 -24.87 -15.04 15.36
C ASP A 37 -25.61 -16.01 16.28
N THR A 38 -26.94 -16.13 16.16
CA THR A 38 -27.57 -17.02 17.10
C THR A 38 -27.41 -18.48 16.70
N GLU A 39 -26.63 -18.76 15.64
CA GLU A 39 -26.13 -20.10 15.36
C GLU A 39 -24.60 -20.15 15.19
N ARG A 40 -23.89 -19.06 15.49
CA ARG A 40 -22.42 -19.03 15.62
C ARG A 40 -21.75 -19.79 14.47
N VAL A 41 -22.01 -19.33 13.25
CA VAL A 41 -21.56 -20.04 12.06
C VAL A 41 -20.05 -19.95 11.93
N PHE A 42 -19.52 -18.72 11.97
CA PHE A 42 -18.10 -18.42 11.76
C PHE A 42 -17.22 -18.70 12.96
N GLU A 43 -17.77 -19.18 14.08
CA GLU A 43 -16.92 -19.66 15.16
C GLU A 43 -16.38 -21.03 14.77
N VAL A 44 -15.11 -21.32 15.09
CA VAL A 44 -14.61 -22.70 15.05
C VAL A 44 -13.62 -22.91 16.18
N ASN A 45 -13.61 -24.15 16.71
CA ASN A 45 -12.77 -24.56 17.83
C ASN A 45 -11.89 -25.73 17.40
N ALA A 46 -10.61 -25.67 17.83
CA ALA A 46 -9.58 -26.57 17.31
C ALA A 46 -9.72 -28.00 17.81
N SER A 47 -10.20 -28.16 19.05
CA SER A 47 -10.61 -29.49 19.50
C SER A 47 -11.46 -30.15 18.42
N ASN A 48 -12.63 -29.56 18.15
CA ASN A 48 -13.58 -30.13 17.19
C ASN A 48 -12.97 -30.32 15.81
N LEU A 49 -12.42 -29.24 15.25
CA LEU A 49 -12.09 -29.14 13.84
C LEU A 49 -10.68 -29.69 13.53
N GLU A 50 -10.22 -30.68 14.30
CA GLU A 50 -8.98 -31.42 14.04
C GLU A 50 -9.20 -32.85 13.51
N LYS A 51 -10.19 -33.59 14.02
CA LYS A 51 -10.51 -34.90 13.43
C LYS A 51 -10.95 -34.75 11.99
N GLN A 52 -11.70 -33.68 11.70
CA GLN A 52 -12.41 -33.44 10.44
C GLN A 52 -11.61 -32.57 9.45
N THR A 53 -10.32 -32.91 9.19
CA THR A 53 -9.44 -32.15 8.30
C THR A 53 -9.95 -32.37 6.85
N SER A 54 -10.86 -31.51 6.38
CA SER A 54 -11.40 -31.67 5.03
C SER A 54 -10.35 -31.30 3.97
N LYS A 55 -9.83 -30.07 4.03
CA LYS A 55 -8.66 -29.70 3.25
C LYS A 55 -7.75 -28.74 4.04
N GLY A 56 -7.85 -28.73 5.37
CA GLY A 56 -6.85 -28.10 6.19
C GLY A 56 -7.26 -26.72 6.67
N LYS A 57 -6.35 -26.16 7.46
CA LYS A 57 -6.57 -24.87 8.08
C LYS A 57 -6.25 -23.75 7.10
N TYR A 58 -7.17 -22.81 6.95
CA TYR A 58 -6.83 -21.48 6.42
C TYR A 58 -6.84 -20.48 7.58
N PHE A 59 -5.81 -19.64 7.64
CA PHE A 59 -5.67 -18.65 8.72
C PHE A 59 -5.18 -17.32 8.16
N VAL A 60 -6.06 -16.34 8.12
CA VAL A 60 -5.72 -15.03 7.59
C VAL A 60 -5.75 -14.08 8.77
N THR A 61 -5.32 -12.84 8.54
CA THR A 61 -5.35 -11.82 9.57
C THR A 61 -5.54 -10.45 8.97
N PHE A 62 -6.30 -9.65 9.70
CA PHE A 62 -6.09 -8.24 9.50
C PHE A 62 -5.12 -7.76 10.56
N PRO A 63 -4.17 -6.91 10.17
CA PRO A 63 -3.49 -6.07 11.17
C PRO A 63 -4.56 -5.34 11.95
N TYR A 64 -4.53 -5.48 13.25
CA TYR A 64 -5.52 -4.77 14.04
C TYR A 64 -5.28 -3.26 13.94
N PRO A 65 -6.36 -2.49 13.88
CA PRO A 65 -6.27 -1.05 13.67
C PRO A 65 -6.31 -0.25 14.95
N TYR A 66 -5.55 0.84 15.00
CA TYR A 66 -5.68 1.70 16.17
C TYR A 66 -7.10 2.22 16.32
N MET A 67 -7.49 2.44 17.57
CA MET A 67 -8.82 2.97 17.87
C MET A 67 -8.81 4.41 18.38
N ASN A 68 -8.34 5.31 17.54
CA ASN A 68 -8.68 6.74 17.58
C ASN A 68 -9.82 7.02 16.62
N GLY A 69 -10.81 6.16 16.58
CA GLY A 69 -11.89 6.32 15.61
C GLY A 69 -12.59 5.02 15.36
N ARG A 70 -13.82 5.13 14.87
CA ARG A 70 -14.45 4.02 14.18
C ARG A 70 -13.57 3.72 12.97
N LEU A 71 -13.92 2.66 12.24
CA LEU A 71 -13.12 2.38 11.06
C LEU A 71 -13.75 3.03 9.85
N HIS A 72 -12.92 3.36 8.85
CA HIS A 72 -13.43 4.04 7.66
C HIS A 72 -13.34 3.11 6.45
N LEU A 73 -13.80 3.59 5.30
CA LEU A 73 -13.89 2.71 4.14
C LEU A 73 -12.53 2.10 3.80
N GLY A 74 -11.56 2.95 3.40
CA GLY A 74 -10.18 2.57 3.19
C GLY A 74 -9.54 1.73 4.28
N HIS A 75 -10.29 1.53 5.38
CA HIS A 75 -9.94 0.51 6.35
C HIS A 75 -10.51 -0.81 5.92
N THR A 76 -11.76 -0.80 5.43
CA THR A 76 -12.41 -2.06 5.05
C THR A 76 -11.84 -2.61 3.77
N PHE A 77 -11.62 -1.74 2.78
CA PHE A 77 -11.03 -2.19 1.53
C PHE A 77 -9.80 -3.02 1.82
N SER A 78 -8.94 -2.49 2.70
CA SER A 78 -7.79 -3.22 3.16
C SER A 78 -8.19 -4.58 3.72
N LEU A 79 -9.14 -4.63 4.63
CA LEU A 79 -9.45 -5.93 5.20
C LEU A 79 -10.38 -6.76 4.29
N SER A 80 -11.25 -6.13 3.51
CA SER A 80 -12.05 -6.85 2.53
C SER A 80 -11.31 -8.03 1.92
N LYS A 81 -10.03 -7.82 1.63
CA LYS A 81 -9.26 -8.81 0.88
C LYS A 81 -9.42 -10.18 1.49
N CYS A 82 -9.57 -10.26 2.82
CA CYS A 82 -9.74 -11.57 3.40
C CYS A 82 -11.20 -11.93 3.60
N GLU A 83 -12.05 -10.94 3.89
CA GLU A 83 -13.48 -11.21 4.07
C GLU A 83 -14.05 -11.97 2.88
N PHE A 84 -13.62 -11.60 1.69
CA PHE A 84 -13.88 -12.43 0.54
C PHE A 84 -13.13 -13.75 0.64
N ALA A 85 -11.80 -13.69 0.82
CA ALA A 85 -10.96 -14.88 0.86
C ALA A 85 -11.59 -15.98 1.69
N VAL A 86 -11.84 -15.69 2.98
CA VAL A 86 -12.39 -16.74 3.85
C VAL A 86 -13.71 -17.28 3.29
N GLY A 87 -14.62 -16.37 2.90
CA GLY A 87 -15.89 -16.80 2.32
C GLY A 87 -15.74 -17.79 1.19
N TYR A 88 -14.65 -17.65 0.39
CA TYR A 88 -14.33 -18.49 -0.77
C TYR A 88 -13.71 -19.81 -0.35
N GLN A 89 -12.67 -19.77 0.48
CA GLN A 89 -12.03 -21.03 0.86
C GLN A 89 -13.01 -21.94 1.58
N ARG A 90 -13.70 -21.44 2.61
CA ARG A 90 -14.64 -22.28 3.38
C ARG A 90 -15.73 -22.87 2.51
N LEU A 91 -15.84 -22.43 1.25
CA LEU A 91 -16.61 -23.22 0.29
C LEU A 91 -15.73 -24.18 -0.52
N LYS A 92 -14.43 -23.95 -0.60
CA LYS A 92 -13.53 -24.87 -1.29
C LYS A 92 -13.16 -26.07 -0.43
N GLY A 93 -13.44 -26.05 0.86
CA GLY A 93 -13.14 -27.22 1.66
C GLY A 93 -12.17 -27.00 2.80
N LYS A 94 -11.98 -25.75 3.24
CA LYS A 94 -11.08 -25.46 4.33
C LYS A 94 -11.88 -24.85 5.49
N CYS A 95 -11.41 -25.11 6.72
CA CYS A 95 -11.91 -24.41 7.91
C CYS A 95 -11.25 -23.04 7.96
N CYS A 96 -12.02 -22.06 8.40
CA CYS A 96 -11.60 -20.68 8.29
C CYS A 96 -11.52 -20.02 9.66
N LEU A 97 -10.40 -19.37 9.92
CA LEU A 97 -10.23 -18.54 11.08
C LEU A 97 -9.71 -17.22 10.57
N PHE A 98 -10.50 -16.19 10.79
CA PHE A 98 -10.18 -14.80 10.48
C PHE A 98 -10.66 -14.02 11.69
N PRO A 99 -9.86 -13.97 12.75
CA PRO A 99 -10.22 -13.17 13.91
C PRO A 99 -9.66 -11.76 13.86
N PHE A 100 -10.41 -10.89 14.50
CA PHE A 100 -10.20 -9.46 14.48
C PHE A 100 -9.87 -9.02 15.90
N GLY A 101 -8.77 -8.29 16.05
CA GLY A 101 -8.43 -7.71 17.32
C GLY A 101 -8.36 -6.23 17.10
N LEU A 102 -8.44 -5.42 18.15
CA LEU A 102 -8.33 -3.98 18.02
C LEU A 102 -7.06 -3.48 18.70
N HIS A 103 -6.36 -2.54 18.05
CA HIS A 103 -5.10 -1.96 18.56
C HIS A 103 -5.42 -0.74 19.40
N CYS A 104 -4.67 -0.55 20.51
CA CYS A 104 -4.60 0.74 21.20
C CYS A 104 -3.22 0.99 21.78
N THR A 105 -2.23 0.15 21.50
CA THR A 105 -0.95 0.40 22.16
C THR A 105 -0.16 1.52 21.51
N GLY A 106 -0.79 2.65 21.25
CA GLY A 106 -0.14 3.72 20.55
C GLY A 106 -0.43 5.10 21.09
N MET A 107 0.53 5.99 20.89
CA MET A 107 0.20 7.40 20.95
C MET A 107 -0.96 7.89 20.08
N PRO A 108 -1.39 7.25 18.99
CA PRO A 108 -2.58 7.73 18.28
C PRO A 108 -3.78 8.03 19.16
N ILE A 109 -4.10 7.10 20.05
CA ILE A 109 -5.17 7.33 21.03
C ILE A 109 -4.75 8.43 22.02
N LYS A 110 -3.50 8.39 22.47
CA LYS A 110 -2.93 9.34 23.43
C LYS A 110 -2.93 10.75 22.89
N ALA A 111 -2.12 11.01 21.87
CA ALA A 111 -1.96 12.36 21.36
C ALA A 111 -3.23 12.89 20.72
N CYS A 112 -4.19 12.02 20.38
CA CYS A 112 -5.49 12.53 19.97
C CYS A 112 -6.25 13.05 21.15
N ALA A 113 -6.41 12.23 22.20
CA ALA A 113 -7.08 12.63 23.43
C ALA A 113 -6.51 13.89 24.06
N ASP A 114 -5.27 14.23 23.75
CA ASP A 114 -4.65 15.34 24.43
C ASP A 114 -4.75 16.65 23.64
N LYS A 115 -4.56 16.63 22.30
CA LYS A 115 -5.02 17.75 21.47
C LYS A 115 -6.45 18.12 21.82
N LEU A 116 -7.27 17.15 22.27
CA LEU A 116 -8.58 17.47 22.84
C LEU A 116 -8.43 18.30 24.11
N LYS A 117 -7.92 17.70 25.19
CA LYS A 117 -7.98 18.35 26.48
C LYS A 117 -7.31 19.70 26.48
N ARG A 118 -6.36 19.93 25.54
CA ARG A 118 -5.82 21.29 25.49
C ARG A 118 -6.79 22.24 24.85
N GLU A 119 -7.61 21.78 23.90
CA GLU A 119 -8.65 22.66 23.35
C GLU A 119 -9.69 23.04 24.43
N ILE A 120 -9.95 22.14 25.40
CA ILE A 120 -10.80 22.47 26.56
C ILE A 120 -10.08 23.38 27.53
N GLU A 121 -8.85 22.99 27.92
CA GLU A 121 -8.06 23.82 28.84
C GLU A 121 -8.00 25.26 28.34
N LEU A 122 -7.82 25.46 27.04
CA LEU A 122 -7.55 26.79 26.51
C LEU A 122 -8.80 27.52 26.03
N TYR A 123 -9.86 26.80 25.67
CA TYR A 123 -11.08 27.46 25.16
C TYR A 123 -12.32 27.08 25.97
N GLY A 124 -12.11 26.52 27.17
CA GLY A 124 -13.19 26.19 28.07
C GLY A 124 -13.92 24.99 27.57
N CYS A 125 -14.96 24.66 28.30
CA CYS A 125 -15.96 23.69 27.87
C CYS A 125 -17.33 24.15 28.37
N PRO A 126 -18.31 24.38 27.46
CA PRO A 126 -18.23 24.19 26.00
C PRO A 126 -17.29 25.19 25.29
N PRO A 127 -16.56 24.72 24.28
CA PRO A 127 -15.33 25.40 23.83
C PRO A 127 -15.55 26.55 22.85
N ASP A 128 -14.50 27.39 22.75
CA ASP A 128 -14.60 28.75 22.16
C ASP A 128 -13.36 29.03 21.33
N PHE A 129 -13.45 28.83 20.00
CA PHE A 129 -12.36 28.88 19.03
C PHE A 129 -12.36 30.18 18.22
N PRO A 130 -11.20 30.81 17.95
CA PRO A 130 -11.12 32.00 17.07
C PRO A 130 -11.48 31.79 15.56
N SER A 166 -14.23 17.76 9.85
CA SER A 166 -14.00 19.17 10.16
C SER A 166 -12.48 19.47 10.40
N LYS A 167 -12.10 20.32 11.43
CA LYS A 167 -10.71 20.78 11.60
C LYS A 167 -10.14 20.97 13.03
N TYR A 168 -10.92 20.82 14.11
CA TYR A 168 -10.45 20.85 15.50
C TYR A 168 -10.79 19.55 16.19
N GLN A 169 -10.07 19.22 17.27
CA GLN A 169 -10.26 17.90 17.90
C GLN A 169 -11.63 17.78 18.54
N TRP A 170 -12.12 18.84 19.14
CA TRP A 170 -13.50 18.87 19.59
C TRP A 170 -14.47 18.66 18.42
N GLY A 171 -14.25 19.43 17.33
CA GLY A 171 -15.14 19.54 16.18
C GLY A 171 -15.01 18.38 15.23
N ILE A 172 -14.35 17.32 15.71
CA ILE A 172 -14.33 16.03 15.05
C ILE A 172 -15.20 15.02 15.80
N MET A 173 -15.29 15.14 17.11
CA MET A 173 -16.09 14.22 17.92
C MET A 173 -17.48 14.74 18.30
N LYS A 174 -17.74 16.03 18.11
CA LYS A 174 -19.12 16.39 17.86
C LYS A 174 -19.50 15.99 16.44
N SER A 175 -18.49 15.91 15.57
CA SER A 175 -18.69 15.45 14.17
C SER A 175 -18.66 13.93 14.22
N LEU A 176 -19.52 13.40 15.08
CA LEU A 176 -19.73 11.96 15.31
C LEU A 176 -20.95 11.88 16.21
N GLY A 177 -21.41 13.05 16.63
CA GLY A 177 -22.60 13.11 17.46
C GLY A 177 -22.43 12.52 18.84
N LEU A 178 -21.66 13.23 19.66
CA LEU A 178 -21.35 12.87 21.03
C LEU A 178 -21.70 14.05 21.91
N SER A 179 -22.36 13.77 23.05
CA SER A 179 -22.93 14.82 23.90
C SER A 179 -21.83 15.69 24.44
N ASP A 180 -22.15 16.96 24.63
CA ASP A 180 -21.13 17.82 25.22
C ASP A 180 -20.63 17.27 26.54
N GLU A 181 -21.48 16.55 27.28
CA GLU A 181 -21.08 16.03 28.59
C GLU A 181 -20.07 14.88 28.49
N GLU A 182 -20.12 14.10 27.39
CA GLU A 182 -19.30 12.91 27.21
C GLU A 182 -18.04 13.12 26.38
N ILE A 183 -18.00 14.15 25.52
CA ILE A 183 -16.74 14.40 24.80
C ILE A 183 -15.61 14.64 25.78
N VAL A 184 -15.90 15.35 26.89
CA VAL A 184 -14.91 15.63 27.94
C VAL A 184 -14.53 14.36 28.68
N LYS A 185 -15.37 13.33 28.63
CA LYS A 185 -15.00 12.06 29.22
C LYS A 185 -13.79 11.43 28.55
N PHE A 186 -13.39 11.95 27.37
CA PHE A 186 -12.32 11.37 26.56
C PHE A 186 -10.93 11.85 26.91
N SER A 187 -10.82 13.02 27.55
CA SER A 187 -9.51 13.57 27.89
C SER A 187 -8.60 12.51 28.52
N GLU A 188 -9.11 11.77 29.51
CA GLU A 188 -8.37 10.59 29.98
C GLU A 188 -8.53 9.47 28.94
N ALA A 189 -7.41 8.97 28.41
CA ALA A 189 -7.49 8.11 27.23
C ALA A 189 -8.24 6.81 27.50
N GLU A 190 -8.54 6.50 28.77
CA GLU A 190 -9.25 5.26 29.10
C GLU A 190 -10.64 5.30 28.54
N HIS A 191 -11.27 6.44 28.65
CA HIS A 191 -12.59 6.45 28.08
C HIS A 191 -12.59 6.37 26.56
N TRP A 192 -11.43 6.32 25.88
CA TRP A 192 -11.49 5.92 24.47
C TRP A 192 -11.72 4.41 24.36
N LEU A 193 -11.03 3.64 25.21
CA LEU A 193 -11.05 2.18 25.22
C LEU A 193 -12.31 1.62 25.90
N ASP A 194 -12.86 2.34 26.86
CA ASP A 194 -14.18 1.98 27.38
C ASP A 194 -15.15 1.93 26.19
N TYR A 195 -14.90 2.81 25.20
CA TYR A 195 -15.87 3.30 24.23
C TYR A 195 -15.66 2.80 22.82
N PHE A 196 -14.44 2.87 22.27
CA PHE A 196 -14.28 2.70 20.83
C PHE A 196 -14.19 1.24 20.38
N PRO A 197 -13.39 0.40 21.03
CA PRO A 197 -13.38 -1.05 20.69
C PRO A 197 -14.77 -1.64 20.52
N PRO A 198 -15.70 -1.41 21.45
CA PRO A 198 -17.02 -2.04 21.29
C PRO A 198 -17.75 -1.57 20.08
N LEU A 199 -17.42 -0.36 19.61
CA LEU A 199 -18.13 0.25 18.49
C LEU A 199 -17.65 -0.32 17.19
N ALA A 200 -16.35 -0.54 17.09
CA ALA A 200 -15.84 -1.23 15.95
C ALA A 200 -16.49 -2.62 15.82
N ILE A 201 -16.59 -3.40 16.89
CA ILE A 201 -17.10 -4.74 16.64
C ILE A 201 -18.58 -4.73 16.22
N GLN A 202 -19.38 -3.78 16.72
CA GLN A 202 -20.75 -3.65 16.23
C GLN A 202 -20.78 -3.18 14.78
N ASP A 203 -19.79 -2.38 14.38
CA ASP A 203 -19.63 -1.97 12.97
C ASP A 203 -19.43 -3.20 12.06
N LEU A 204 -18.52 -4.11 12.42
CA LEU A 204 -18.26 -5.14 11.47
C LEU A 204 -19.35 -6.19 11.51
N LYS A 205 -20.01 -6.38 12.66
CA LYS A 205 -21.33 -7.04 12.74
C LYS A 205 -22.20 -6.85 11.48
N ARG A 206 -22.36 -5.58 11.10
CA ARG A 206 -23.16 -5.10 9.97
C ARG A 206 -22.37 -5.00 8.68
N MET A 207 -21.13 -5.47 8.65
CA MET A 207 -20.47 -5.82 7.40
C MET A 207 -20.74 -7.25 7.02
N GLY A 208 -20.98 -8.07 8.06
CA GLY A 208 -21.10 -9.53 7.99
C GLY A 208 -19.81 -10.31 8.11
N LEU A 209 -18.88 -9.87 8.96
CA LEU A 209 -17.50 -10.30 8.81
C LEU A 209 -17.31 -11.65 9.48
N LYS A 210 -16.82 -12.61 8.72
CA LYS A 210 -16.63 -13.97 9.20
C LYS A 210 -15.62 -13.95 10.34
N VAL A 211 -16.08 -13.66 11.56
CA VAL A 211 -15.22 -13.63 12.74
C VAL A 211 -15.75 -14.56 13.83
N ASP A 212 -14.86 -15.40 14.38
CA ASP A 212 -14.98 -16.04 15.69
C ASP A 212 -14.71 -14.96 16.72
N TRP A 213 -15.76 -14.23 17.09
CA TRP A 213 -15.53 -12.99 17.83
C TRP A 213 -14.80 -13.21 19.14
N ARG A 214 -14.87 -14.42 19.74
CA ARG A 214 -14.27 -14.68 21.05
C ARG A 214 -12.78 -14.38 21.08
N ARG A 215 -12.14 -14.31 19.90
CA ARG A 215 -10.72 -14.08 19.80
C ARG A 215 -10.39 -12.63 19.62
N SER A 216 -11.15 -11.75 20.26
CA SER A 216 -10.79 -10.36 20.25
C SER A 216 -9.93 -10.01 21.48
N PHE A 217 -9.62 -8.72 21.61
CA PHE A 217 -8.99 -8.19 22.81
C PHE A 217 -8.86 -6.67 22.67
N ILE A 218 -8.25 -6.07 23.71
CA ILE A 218 -7.54 -4.79 23.60
C ILE A 218 -6.10 -5.05 23.93
N THR A 219 -5.25 -4.16 23.44
CA THR A 219 -3.83 -4.37 23.26
C THR A 219 -2.97 -3.77 24.35
N THR A 220 -3.48 -2.83 25.12
CA THR A 220 -2.62 -2.16 26.08
C THR A 220 -2.63 -2.90 27.41
N ASP A 221 -2.00 -2.29 28.43
CA ASP A 221 -1.91 -2.89 29.76
C ASP A 221 -3.23 -2.76 30.52
N VAL A 222 -4.19 -1.99 30.00
CA VAL A 222 -5.58 -2.07 30.48
C VAL A 222 -6.14 -3.49 30.39
N ASN A 223 -5.45 -4.39 29.65
CA ASN A 223 -5.74 -5.81 29.58
C ASN A 223 -4.64 -6.61 30.26
N PRO A 224 -5.03 -7.48 31.21
CA PRO A 224 -4.04 -8.32 31.89
C PRO A 224 -3.62 -9.57 31.14
N TYR A 225 -4.37 -10.04 30.14
CA TYR A 225 -3.92 -11.26 29.47
C TYR A 225 -2.87 -10.91 28.45
N TYR A 226 -3.26 -10.16 27.41
CA TYR A 226 -2.31 -9.71 26.42
C TYR A 226 -1.06 -9.21 27.08
N ASP A 227 -1.21 -8.60 28.23
CA ASP A 227 -0.06 -8.00 28.87
C ASP A 227 1.02 -9.03 29.22
N SER A 228 0.62 -10.17 29.80
CA SER A 228 1.63 -11.15 30.15
C SER A 228 2.20 -11.78 28.90
N PHE A 229 1.35 -12.06 27.92
CA PHE A 229 1.81 -12.40 26.59
C PHE A 229 2.96 -11.45 26.14
N VAL A 230 2.71 -10.14 26.03
CA VAL A 230 3.77 -9.21 25.62
C VAL A 230 5.04 -9.50 26.38
N ARG A 231 4.89 -9.61 27.70
CA ARG A 231 6.03 -9.80 28.60
C ARG A 231 6.87 -10.97 28.13
N TRP A 232 6.18 -12.09 27.88
CA TRP A 232 6.82 -13.35 27.50
C TRP A 232 7.65 -13.14 26.25
N GLN A 233 7.03 -12.54 25.25
CA GLN A 233 7.76 -12.11 24.08
C GLN A 233 9.03 -11.42 24.56
N PHE A 234 8.89 -10.39 25.38
CA PHE A 234 10.05 -9.53 25.61
C PHE A 234 11.07 -10.16 26.56
N LEU A 235 10.65 -10.99 27.52
CA LEU A 235 11.63 -11.76 28.30
C LEU A 235 12.51 -12.57 27.38
N THR A 236 11.89 -13.14 26.35
CA THR A 236 12.60 -13.95 25.38
C THR A 236 13.58 -13.11 24.57
N LEU A 237 13.22 -11.86 24.25
CA LEU A 237 14.08 -11.12 23.35
C LEU A 237 15.30 -10.55 24.09
N ARG A 238 15.19 -10.19 25.38
CA ARG A 238 16.40 -10.09 26.19
C ARG A 238 17.16 -11.41 26.17
N GLU A 239 16.43 -12.52 26.37
CA GLU A 239 17.05 -13.80 26.55
C GLU A 239 17.70 -14.31 25.28
N ARG A 240 17.25 -13.83 24.12
CA ARG A 240 17.83 -14.22 22.82
C ARG A 240 18.70 -13.11 22.19
N ASN A 241 19.03 -12.05 22.97
CA ASN A 241 19.86 -10.91 22.56
C ASN A 241 19.28 -10.16 21.36
N LYS A 242 17.94 -10.15 21.24
CA LYS A 242 17.26 -9.41 20.19
C LYS A 242 16.74 -8.06 20.66
N ILE A 243 17.04 -7.68 21.91
CA ILE A 243 17.04 -6.30 22.41
C ILE A 243 18.41 -6.05 23.03
N LYS A 244 18.76 -4.77 23.12
CA LYS A 244 19.90 -4.33 23.93
C LYS A 244 19.62 -2.92 24.37
N PHE A 245 20.16 -2.57 25.54
CA PHE A 245 20.28 -1.19 25.99
C PHE A 245 21.46 -0.53 25.27
N GLY A 246 21.23 0.64 24.70
CA GLY A 246 22.31 1.49 24.22
C GLY A 246 21.91 2.96 24.18
N LYS A 247 22.89 3.79 23.72
CA LYS A 247 22.69 5.19 23.31
C LYS A 247 22.82 5.29 21.80
N ARG A 248 21.75 5.59 21.08
CA ARG A 248 21.86 5.63 19.62
C ARG A 248 21.01 6.76 19.04
N TYR A 249 21.40 7.18 17.84
CA TYR A 249 20.66 8.19 17.10
C TYR A 249 19.31 7.63 16.63
N THR A 250 18.22 8.18 17.13
CA THR A 250 16.94 7.94 16.47
C THR A 250 16.22 9.27 16.33
N ILE A 251 15.07 9.21 15.64
CA ILE A 251 14.19 10.37 15.43
C ILE A 251 13.19 10.46 16.59
N TYR A 252 13.05 11.69 17.11
CA TYR A 252 12.68 11.96 18.50
C TYR A 252 11.78 13.18 18.57
N SER A 253 10.76 13.16 19.46
CA SER A 253 9.91 14.35 19.64
C SER A 253 10.18 14.99 20.97
N PRO A 254 10.63 16.25 21.02
CA PRO A 254 10.83 16.87 22.33
C PRO A 254 9.56 16.89 23.15
N LYS A 255 8.42 17.24 22.52
CA LYS A 255 7.12 17.35 23.23
C LYS A 255 6.59 15.99 23.64
N ASP A 256 6.92 14.94 22.89
CA ASP A 256 6.64 13.60 23.38
C ASP A 256 7.63 13.23 24.49
N GLY A 257 8.86 13.70 24.41
CA GLY A 257 9.80 13.32 25.44
C GLY A 257 10.28 11.89 25.37
N GLN A 258 10.59 11.40 24.12
CA GLN A 258 10.85 10.00 23.76
C GLN A 258 11.25 9.79 22.28
N PRO A 259 11.70 8.60 21.88
CA PRO A 259 11.85 8.31 20.45
C PRO A 259 10.49 8.35 19.76
N CYS A 260 10.51 8.59 18.46
CA CYS A 260 9.28 8.38 17.72
C CYS A 260 9.65 7.78 16.35
N MET A 261 9.78 6.44 16.29
CA MET A 261 9.91 5.79 15.00
C MET A 261 8.47 5.71 14.44
N ASP A 262 8.33 5.21 13.20
CA ASP A 262 7.26 5.52 12.23
C ASP A 262 5.83 5.83 12.75
N HIS A 263 5.25 4.89 13.48
CA HIS A 263 3.83 4.92 13.80
C HIS A 263 3.52 5.83 14.97
N ASP A 264 4.47 6.69 15.35
CA ASP A 264 4.19 7.75 16.30
C ASP A 264 4.15 9.12 15.62
N ARG A 265 4.31 9.16 14.30
CA ARG A 265 4.51 10.39 13.54
C ARG A 265 3.22 10.79 12.84
N GLN A 266 3.28 11.95 12.18
CA GLN A 266 2.23 12.47 11.32
C GLN A 266 2.79 13.03 10.03
N THR A 267 4.12 12.96 9.90
CA THR A 267 4.86 13.34 8.71
C THR A 267 5.92 12.27 8.54
N GLY A 268 6.31 12.02 7.28
CA GLY A 268 7.53 11.31 6.92
C GLY A 268 7.68 9.95 7.51
N GLU A 269 6.75 9.08 7.16
CA GLU A 269 6.60 7.88 7.96
C GLU A 269 7.84 7.00 7.97
N GLY A 270 8.84 7.25 7.10
CA GLY A 270 10.02 6.40 6.97
C GLY A 270 11.39 7.06 6.92
N VAL A 271 11.53 8.16 7.69
CA VAL A 271 12.64 9.11 7.59
C VAL A 271 13.74 8.71 8.58
N GLY A 272 15.00 8.76 8.14
CA GLY A 272 16.02 8.09 8.98
C GLY A 272 16.88 8.93 9.90
N PRO A 273 17.53 8.27 10.91
CA PRO A 273 18.49 8.93 11.80
C PRO A 273 19.47 9.39 10.71
N GLN A 274 19.59 10.70 10.55
CA GLN A 274 20.32 11.24 9.35
C GLN A 274 21.55 12.14 9.62
N GLU A 275 22.73 11.87 8.97
CA GLU A 275 24.08 12.38 9.34
C GLU A 275 24.55 13.64 8.59
N TYR A 276 25.44 14.42 9.24
CA TYR A 276 25.95 15.68 8.70
C TYR A 276 27.33 15.93 9.29
N THR A 277 28.15 16.76 8.65
CA THR A 277 29.44 17.19 9.20
C THR A 277 29.41 18.68 9.53
N LEU A 278 29.55 19.03 10.80
CA LEU A 278 29.38 20.41 11.25
C LEU A 278 30.74 21.02 11.47
N LEU A 279 31.00 22.14 10.81
CA LEU A 279 32.32 22.78 10.91
C LEU A 279 32.33 23.97 11.86
N LYS A 280 33.35 24.00 12.75
CA LYS A 280 33.54 25.00 13.82
C LYS A 280 34.54 26.09 13.41
N LEU A 281 33.98 27.24 12.98
CA LEU A 281 34.69 28.41 12.48
C LEU A 281 34.83 29.47 13.57
N LYS A 282 36.01 30.08 13.65
CA LYS A 282 36.25 31.04 14.71
C LYS A 282 35.84 32.42 14.25
N VAL A 283 34.94 33.05 15.00
CA VAL A 283 34.70 34.44 14.76
C VAL A 283 35.91 35.20 15.25
N LEU A 284 36.30 36.24 14.54
CA LEU A 284 37.62 36.83 14.71
C LEU A 284 37.50 38.30 15.06
N GLU A 285 38.56 38.81 15.73
CA GLU A 285 38.64 40.22 16.12
C GLU A 285 39.21 41.01 14.93
N PRO A 286 38.63 42.17 14.60
CA PRO A 286 37.52 42.85 15.30
C PRO A 286 36.23 42.08 15.28
N TYR A 287 35.71 41.75 16.46
CA TYR A 287 34.37 41.22 16.46
C TYR A 287 33.45 42.28 15.82
N PRO A 288 32.51 41.86 14.99
CA PRO A 288 31.47 42.79 14.50
C PRO A 288 30.73 43.52 15.62
N SER A 289 30.30 44.75 15.29
CA SER A 289 29.74 45.70 16.25
C SER A 289 28.58 45.12 17.06
N LYS A 290 27.99 43.98 16.68
CA LYS A 290 26.82 43.47 17.40
C LYS A 290 27.17 42.26 18.24
N LEU A 291 28.46 42.00 18.48
CA LEU A 291 28.86 40.84 19.27
C LEU A 291 29.49 41.17 20.61
N SER A 292 29.26 42.39 21.08
CA SER A 292 29.98 42.92 22.24
C SER A 292 30.04 41.90 23.40
N GLY A 293 28.88 41.57 23.95
CA GLY A 293 28.75 41.04 25.29
C GLY A 293 29.71 39.94 25.63
N LEU A 294 29.57 38.82 24.94
CA LEU A 294 30.44 37.67 25.21
C LEU A 294 31.83 38.10 24.80
N LYS A 295 32.42 38.89 25.69
CA LYS A 295 33.87 39.00 25.73
C LYS A 295 34.48 37.71 26.27
N GLY A 296 33.71 36.95 27.07
CA GLY A 296 34.17 35.87 27.93
C GLY A 296 34.44 34.54 27.29
N LYS A 297 34.09 34.34 26.02
CA LYS A 297 34.30 33.03 25.43
C LYS A 297 34.78 33.15 23.98
N ASN A 298 35.28 32.01 23.47
CA ASN A 298 35.58 31.83 22.07
C ASN A 298 34.29 31.47 21.39
N ILE A 299 33.89 32.29 20.41
CA ILE A 299 32.58 32.26 19.78
C ILE A 299 32.69 31.61 18.41
N PHE A 300 31.87 30.59 18.17
CA PHE A 300 32.05 29.76 16.99
C PHE A 300 30.91 29.91 16.00
N LEU A 301 31.23 30.12 14.72
CA LEU A 301 30.24 29.91 13.68
C LEU A 301 30.16 28.44 13.28
N VAL A 302 28.93 27.94 13.18
CA VAL A 302 28.65 26.52 13.01
C VAL A 302 27.81 26.30 11.78
N ALA A 303 28.28 25.40 10.92
CA ALA A 303 27.79 25.30 9.55
C ALA A 303 28.02 23.89 9.05
N ALA A 304 26.96 23.33 8.46
CA ALA A 304 26.74 21.89 8.33
C ALA A 304 26.89 21.45 6.89
N THR A 305 28.04 20.84 6.59
CA THR A 305 28.30 20.30 5.27
C THR A 305 27.99 18.80 5.19
N LEU A 306 27.80 18.37 3.94
CA LEU A 306 27.72 16.98 3.53
C LEU A 306 29.02 16.47 2.91
N ARG A 307 29.69 17.28 2.13
CA ARG A 307 30.98 16.86 1.64
C ARG A 307 32.09 17.54 2.43
N PRO A 308 32.59 16.90 3.52
CA PRO A 308 33.73 17.47 4.28
C PRO A 308 35.02 17.47 3.51
N GLU A 309 35.14 16.53 2.54
CA GLU A 309 36.30 16.33 1.69
C GLU A 309 36.55 17.49 0.75
N THR A 310 35.78 18.59 0.87
CA THR A 310 35.91 19.75 -0.02
C THR A 310 36.37 21.00 0.70
N MET A 311 36.34 20.98 2.02
CA MET A 311 36.50 22.14 2.85
C MET A 311 37.86 22.82 2.72
N PHE A 312 38.71 22.39 1.80
CA PHE A 312 39.89 23.17 1.46
C PHE A 312 39.53 24.31 0.51
N GLY A 313 38.36 24.18 -0.13
CA GLY A 313 37.92 25.07 -1.17
C GLY A 313 37.07 26.17 -0.59
N GLN A 314 37.44 26.50 0.65
CA GLN A 314 36.64 27.37 1.49
C GLN A 314 37.12 28.79 1.27
N THR A 315 36.18 29.67 0.86
CA THR A 315 36.45 31.04 0.51
C THR A 315 35.70 32.04 1.33
N ASN A 316 34.61 31.67 1.94
CA ASN A 316 33.83 32.65 2.68
C ASN A 316 32.73 31.90 3.43
N CYS A 317 31.72 32.62 3.87
CA CYS A 317 30.65 32.03 4.64
C CYS A 317 29.33 32.61 4.20
N TRP A 318 28.32 31.76 4.09
CA TRP A 318 27.02 32.19 3.59
C TRP A 318 25.99 32.25 4.72
N VAL A 319 25.34 33.43 4.88
CA VAL A 319 24.09 33.60 5.66
C VAL A 319 23.14 34.57 4.97
N ARG A 320 21.82 34.18 4.89
CA ARG A 320 20.75 35.07 4.44
C ARG A 320 20.41 36.03 5.56
N PRO A 321 20.41 37.32 5.28
CA PRO A 321 20.56 38.32 6.35
C PRO A 321 19.25 38.61 7.08
N ASP A 322 18.11 38.25 6.52
CA ASP A 322 16.82 38.35 7.21
C ASP A 322 16.43 37.06 7.93
N MET A 323 17.41 36.22 8.30
CA MET A 323 17.09 35.00 9.03
C MET A 323 17.40 35.19 10.50
N LYS A 324 16.75 34.43 11.33
CA LYS A 324 16.93 34.64 12.76
C LYS A 324 17.85 33.55 13.33
N TYR A 325 19.04 33.97 13.73
CA TYR A 325 20.00 33.05 14.31
C TYR A 325 19.99 33.20 15.84
N ILE A 326 20.83 32.40 16.47
CA ILE A 326 20.82 32.20 17.91
C ILE A 326 22.19 31.72 18.28
N GLY A 327 22.73 32.19 19.39
CA GLY A 327 23.97 31.61 19.87
C GLY A 327 23.93 31.19 21.33
N PHE A 328 24.45 29.98 21.59
CA PHE A 328 24.22 29.38 22.89
C PHE A 328 25.55 29.04 23.54
N GLU A 329 25.47 28.55 24.77
CA GLU A 329 26.65 28.02 25.40
C GLU A 329 26.68 26.52 25.18
N THR A 330 27.82 26.07 24.67
CA THR A 330 28.01 24.66 24.66
C THR A 330 28.24 24.24 26.11
N VAL A 331 28.21 22.94 26.35
CA VAL A 331 28.86 22.47 27.55
C VAL A 331 30.38 22.70 27.43
N ASN A 332 30.90 22.69 26.21
CA ASN A 332 32.28 23.14 26.01
C ASN A 332 32.49 24.48 26.71
N GLY A 333 31.50 25.37 26.65
CA GLY A 333 31.61 26.75 27.11
C GLY A 333 31.70 27.80 26.01
N ASP A 334 31.94 27.40 24.76
CA ASP A 334 32.03 28.31 23.63
C ASP A 334 30.65 28.71 23.18
N ILE A 335 30.59 29.50 22.12
CA ILE A 335 29.32 29.94 21.58
C ILE A 335 29.21 29.46 20.13
N PHE A 336 28.08 28.85 19.80
CA PHE A 336 27.74 28.51 18.42
C PHE A 336 26.76 29.54 17.83
N ILE A 337 26.37 29.34 16.56
CA ILE A 337 25.30 30.17 15.96
C ILE A 337 24.59 29.39 14.85
N CYS A 338 23.29 29.15 14.97
CA CYS A 338 22.56 28.41 13.91
C CYS A 338 21.12 28.91 13.76
N THR A 339 20.33 28.22 12.94
CA THR A 339 18.91 28.53 13.00
C THR A 339 18.49 28.37 14.44
N GLN A 340 17.33 28.93 14.77
CA GLN A 340 16.72 28.52 16.05
C GLN A 340 16.55 26.99 16.12
N LYS A 341 16.24 26.32 15.00
CA LYS A 341 16.00 24.88 15.03
C LYS A 341 17.26 24.01 14.94
N ALA A 342 18.23 24.26 14.06
CA ALA A 342 19.44 23.46 14.18
C ALA A 342 20.02 23.59 15.58
N ALA A 343 19.72 24.69 16.28
CA ALA A 343 20.16 24.77 17.67
C ALA A 343 19.48 23.70 18.50
N ARG A 344 18.16 23.87 18.66
CA ARG A 344 17.40 22.95 19.48
C ARG A 344 17.62 21.49 19.06
N ASN A 345 18.08 21.24 17.83
CA ASN A 345 18.54 19.88 17.52
C ASN A 345 19.83 19.55 18.26
N MET A 346 20.91 20.28 17.97
CA MET A 346 22.17 20.13 18.69
C MET A 346 21.90 19.71 20.13
N SER A 347 20.88 20.34 20.74
CA SER A 347 20.69 20.25 22.18
C SER A 347 20.36 18.83 22.61
N TYR A 348 19.32 18.25 22.00
CA TYR A 348 18.88 16.86 22.17
C TYR A 348 19.90 15.84 21.64
N GLN A 349 20.96 16.34 21.03
CA GLN A 349 22.08 15.52 20.60
C GLN A 349 23.19 15.56 21.61
N GLY A 350 22.99 16.22 22.76
CA GLY A 350 24.06 16.34 23.74
C GLY A 350 25.17 17.31 23.35
N PHE A 351 24.73 18.54 23.12
CA PHE A 351 25.59 19.69 22.94
C PHE A 351 25.49 20.65 24.12
N THR A 352 24.26 20.95 24.52
CA THR A 352 24.06 21.91 25.57
C THR A 352 24.32 21.20 26.86
N LYS A 353 24.88 21.95 27.82
CA LYS A 353 25.22 21.39 29.12
C LYS A 353 24.05 20.64 29.73
N ASP A 354 22.85 21.13 29.48
CA ASP A 354 21.64 20.56 30.07
C ASP A 354 20.83 20.01 28.90
N ASN A 355 21.13 18.79 28.49
CA ASN A 355 20.56 18.17 27.29
C ASN A 355 19.08 18.52 27.06
N GLY A 356 18.78 18.95 25.86
CA GLY A 356 17.41 19.32 25.49
C GLY A 356 17.03 20.80 25.59
N VAL A 357 17.95 21.65 26.06
CA VAL A 357 17.65 23.01 26.46
C VAL A 357 18.69 23.90 25.84
N VAL A 358 18.19 24.97 25.16
CA VAL A 358 19.04 25.78 24.32
C VAL A 358 19.45 27.05 25.17
N PRO A 359 20.75 27.12 25.60
CA PRO A 359 21.17 28.26 26.48
C PRO A 359 21.39 29.56 25.72
N VAL A 360 20.35 29.99 25.00
CA VAL A 360 20.47 31.10 24.05
C VAL A 360 20.99 32.36 24.73
N VAL A 361 21.87 33.09 24.05
CA VAL A 361 22.39 34.32 24.64
C VAL A 361 22.19 35.52 23.76
N LYS A 362 22.03 35.35 22.45
CA LYS A 362 21.63 36.47 21.63
C LYS A 362 20.77 35.93 20.50
N GLU A 363 19.61 36.58 20.34
CA GLU A 363 18.84 36.67 19.10
C GLU A 363 19.35 37.81 18.21
N LEU A 364 19.16 37.65 16.89
CA LEU A 364 19.78 38.51 15.90
C LEU A 364 19.51 37.96 14.51
N MET A 365 19.81 38.78 13.53
CA MET A 365 19.65 38.41 12.13
C MET A 365 20.95 38.69 11.43
N GLY A 366 21.41 37.73 10.61
CA GLY A 366 22.70 37.80 9.95
C GLY A 366 22.98 39.04 9.15
N GLU A 367 22.04 39.99 9.17
CA GLU A 367 22.23 41.32 8.61
C GLU A 367 23.27 42.11 9.40
N GLU A 368 23.47 41.76 10.68
CA GLU A 368 24.40 42.42 11.62
C GLU A 368 25.78 41.77 11.64
N ILE A 369 25.98 40.73 10.80
CA ILE A 369 27.03 39.72 10.96
C ILE A 369 27.97 39.68 9.78
N LEU A 370 27.42 40.01 8.62
CA LEU A 370 28.23 40.00 7.43
C LEU A 370 29.52 40.77 7.69
N GLY A 371 30.59 40.29 7.06
CA GLY A 371 31.88 40.98 7.02
C GLY A 371 32.74 40.72 8.21
N ALA A 372 32.38 39.80 9.07
CA ALA A 372 33.21 39.63 10.25
C ALA A 372 34.18 38.50 9.98
N SER A 373 35.39 38.69 10.47
CA SER A 373 36.54 37.89 10.07
C SER A 373 36.42 36.52 10.72
N LEU A 374 37.04 35.53 10.11
CA LEU A 374 36.57 34.17 10.35
C LEU A 374 37.71 33.26 9.95
N SER A 375 38.35 32.59 10.92
CA SER A 375 39.26 31.55 10.51
C SER A 375 38.50 30.28 10.21
N ALA A 376 38.79 29.70 9.06
CA ALA A 376 38.12 28.46 8.75
C ALA A 376 39.11 27.31 8.84
N PRO A 377 38.65 26.14 9.27
CA PRO A 377 39.46 24.92 9.14
C PRO A 377 39.67 24.58 7.69
N LEU A 378 40.85 24.05 7.41
CA LEU A 378 41.24 23.23 6.26
C LEU A 378 41.59 24.06 5.02
N THR A 379 41.50 25.37 5.05
CA THR A 379 41.62 26.13 3.81
C THR A 379 42.78 27.10 3.97
N SER A 380 43.47 27.30 2.84
CA SER A 380 44.56 28.26 2.78
C SER A 380 44.12 29.70 3.05
N TYR A 381 42.84 30.05 2.88
CA TYR A 381 42.38 31.43 3.08
C TYR A 381 42.47 31.74 4.57
N LYS A 382 43.67 32.15 5.01
CA LYS A 382 43.93 32.17 6.44
C LYS A 382 42.83 32.91 7.20
N VAL A 383 42.20 33.89 6.52
CA VAL A 383 41.01 34.64 6.94
C VAL A 383 40.00 34.66 5.78
N ILE A 384 38.82 34.09 5.99
CA ILE A 384 37.66 34.29 5.11
C ILE A 384 36.68 35.16 5.89
N TYR A 385 35.72 35.78 5.18
CA TYR A 385 34.70 36.65 5.76
C TYR A 385 33.35 35.95 5.64
N VAL A 386 32.31 36.45 6.31
CA VAL A 386 30.95 35.88 6.23
C VAL A 386 30.16 36.71 5.26
N LEU A 387 29.58 36.09 4.21
CA LEU A 387 28.91 36.85 3.14
C LEU A 387 27.44 36.46 2.97
N PRO A 388 26.66 37.21 2.16
CA PRO A 388 25.26 36.83 1.96
C PRO A 388 24.96 36.06 0.68
N MET A 389 24.43 34.83 0.81
CA MET A 389 23.79 34.02 -0.23
C MET A 389 22.31 34.17 0.14
N LEU A 390 21.56 34.92 -0.66
CA LEU A 390 20.23 35.38 -0.23
C LEU A 390 19.16 34.31 -0.29
N THR A 391 19.32 33.24 -1.06
CA THR A 391 18.41 32.11 -0.93
C THR A 391 19.10 31.06 -0.07
N ILE A 392 18.66 30.97 1.17
CA ILE A 392 19.04 29.88 2.04
C ILE A 392 17.75 29.41 2.68
N LYS A 393 17.22 28.30 2.18
CA LYS A 393 16.06 27.66 2.78
C LYS A 393 16.34 27.34 4.27
N GLU A 394 15.28 27.40 5.10
CA GLU A 394 15.44 27.25 6.55
C GLU A 394 15.06 25.88 7.09
N ASP A 395 14.73 24.95 6.20
CA ASP A 395 14.50 23.56 6.60
C ASP A 395 15.82 22.92 7.02
N LYS A 396 16.74 22.84 6.08
CA LYS A 396 17.92 22.03 6.25
C LYS A 396 18.93 22.89 7.01
N GLY A 397 20.14 22.34 7.15
CA GLY A 397 21.34 22.94 7.68
C GLY A 397 21.10 23.78 8.91
N THR A 398 21.90 24.84 8.99
CA THR A 398 22.04 25.61 10.20
C THR A 398 21.91 27.08 9.89
N GLY A 399 21.33 27.41 8.75
CA GLY A 399 21.27 28.78 8.27
C GLY A 399 22.62 29.37 7.95
N VAL A 400 23.67 28.61 8.17
CA VAL A 400 25.02 29.01 7.86
C VAL A 400 25.58 27.91 7.02
N VAL A 401 26.02 28.27 5.81
CA VAL A 401 26.32 27.35 4.71
C VAL A 401 27.76 27.56 4.22
N THR A 402 28.60 26.54 4.43
CA THR A 402 29.92 26.40 3.83
C THR A 402 29.89 26.90 2.42
N SER A 403 31.01 27.41 1.96
CA SER A 403 31.13 28.02 0.64
C SER A 403 32.23 27.30 -0.14
N VAL A 404 31.91 26.38 -1.05
CA VAL A 404 33.08 25.91 -1.79
C VAL A 404 32.86 26.35 -3.24
N PRO A 405 33.35 27.55 -3.65
CA PRO A 405 33.05 28.03 -5.01
C PRO A 405 33.68 27.18 -6.08
N SER A 406 34.84 26.63 -5.77
CA SER A 406 35.51 25.69 -6.66
C SER A 406 34.65 24.50 -7.01
N ASP A 407 33.69 24.12 -6.15
CA ASP A 407 33.18 22.75 -6.29
C ASP A 407 31.69 22.60 -5.98
N SER A 408 30.94 23.69 -5.81
CA SER A 408 29.46 23.65 -5.86
C SER A 408 28.99 24.96 -6.45
N PRO A 409 27.98 24.90 -7.34
CA PRO A 409 27.70 26.06 -8.21
C PRO A 409 27.02 27.20 -7.48
N ASP A 410 26.19 26.88 -6.47
CA ASP A 410 25.49 27.87 -5.66
C ASP A 410 26.47 28.87 -5.09
N ASP A 411 27.57 28.36 -4.54
CA ASP A 411 28.70 29.16 -4.04
C ASP A 411 29.30 30.06 -5.15
N ILE A 412 29.89 29.45 -6.19
CA ILE A 412 30.46 30.23 -7.31
C ILE A 412 29.45 31.17 -7.96
N ALA A 413 28.16 30.83 -7.96
CA ALA A 413 27.15 31.73 -8.49
C ALA A 413 26.93 32.94 -7.59
N ALA A 414 26.39 32.68 -6.39
CA ALA A 414 26.20 33.72 -5.37
C ALA A 414 27.43 34.61 -5.26
N LEU A 415 28.63 34.01 -5.31
CA LEU A 415 29.88 34.76 -5.25
C LEU A 415 30.16 35.52 -6.54
N ARG A 416 29.64 35.05 -7.67
CA ARG A 416 29.80 35.82 -8.90
C ARG A 416 29.22 37.21 -8.71
N ASP A 417 28.06 37.28 -8.04
CA ASP A 417 27.32 38.52 -7.98
C ASP A 417 28.03 39.57 -7.13
N LEU A 418 28.36 39.24 -5.89
CA LEU A 418 29.01 40.25 -5.05
C LEU A 418 30.30 40.78 -5.69
N LYS A 419 30.85 40.04 -6.68
CA LYS A 419 31.97 40.49 -7.52
C LYS A 419 31.45 41.26 -8.75
N LYS A 420 30.29 40.83 -9.28
CA LYS A 420 29.66 41.42 -10.48
C LYS A 420 29.06 42.79 -10.18
N LYS A 421 28.44 42.93 -9.02
CA LYS A 421 27.59 44.09 -8.71
C LYS A 421 28.13 44.75 -7.44
N GLN A 422 28.76 45.92 -7.59
CA GLN A 422 29.18 46.69 -6.42
C GLN A 422 28.00 46.92 -5.51
N ALA A 423 26.89 47.32 -6.08
CA ALA A 423 25.76 47.73 -5.29
C ALA A 423 25.12 46.60 -4.54
N LEU A 424 25.73 45.43 -4.52
CA LEU A 424 25.34 44.44 -3.54
C LEU A 424 26.18 44.48 -2.26
N ARG A 425 27.46 44.81 -2.37
CA ARG A 425 28.18 45.04 -1.12
C ARG A 425 27.69 46.27 -0.40
N ALA A 426 26.66 46.89 -0.94
CA ALA A 426 26.08 48.15 -0.53
C ALA A 426 24.99 47.95 0.50
N LYS A 427 23.92 47.25 0.10
CA LYS A 427 22.85 46.91 1.03
C LYS A 427 23.40 46.11 2.20
N TYR A 428 24.64 45.63 2.12
CA TYR A 428 25.18 44.88 3.24
C TYR A 428 26.56 45.37 3.66
N GLY A 429 27.07 46.47 3.09
CA GLY A 429 28.35 47.03 3.47
C GLY A 429 29.41 45.96 3.61
N ILE A 430 29.85 45.37 2.50
CA ILE A 430 30.98 44.45 2.52
C ILE A 430 32.09 45.17 1.74
N ARG A 431 33.15 45.55 2.46
CA ARG A 431 34.32 46.20 1.86
C ARG A 431 34.80 45.35 0.69
N ASP A 432 35.71 45.88 -0.10
CA ASP A 432 36.09 45.13 -1.28
C ASP A 432 37.05 43.97 -0.97
N ASP A 433 37.75 44.00 0.16
CA ASP A 433 38.67 42.91 0.47
C ASP A 433 37.94 41.61 0.62
N MET A 434 36.70 41.70 1.11
CA MET A 434 35.96 40.56 1.66
C MET A 434 35.35 39.67 0.58
N VAL A 435 35.18 40.22 -0.64
CA VAL A 435 34.54 39.54 -1.77
C VAL A 435 35.55 39.30 -2.87
N LEU A 436 36.15 40.38 -3.41
CA LEU A 436 36.91 40.18 -4.64
C LEU A 436 38.00 39.14 -4.41
N PRO A 437 39.03 39.40 -3.61
CA PRO A 437 40.28 38.67 -3.84
C PRO A 437 40.19 37.18 -3.69
N PHE A 438 39.18 36.62 -3.00
CA PHE A 438 39.06 35.16 -2.87
C PHE A 438 38.59 34.54 -4.20
N GLU A 439 39.47 33.82 -4.93
CA GLU A 439 39.02 33.10 -6.13
C GLU A 439 39.29 31.61 -5.88
N PRO A 440 38.53 30.67 -6.53
CA PRO A 440 38.38 29.31 -5.97
C PRO A 440 39.66 28.54 -5.86
N VAL A 441 39.54 27.32 -5.34
CA VAL A 441 40.69 26.52 -4.96
C VAL A 441 40.55 25.14 -5.58
N PRO A 442 41.57 24.67 -6.31
CA PRO A 442 41.46 23.30 -6.88
C PRO A 442 41.73 22.29 -5.81
N VAL A 443 40.65 21.58 -5.43
CA VAL A 443 40.69 20.65 -4.32
C VAL A 443 40.29 19.26 -4.78
N ILE A 444 39.27 19.19 -5.63
CA ILE A 444 38.97 18.00 -6.43
C ILE A 444 39.26 18.34 -7.89
N GLU A 445 39.81 17.34 -8.62
CA GLU A 445 39.76 17.30 -10.08
C GLU A 445 39.00 16.05 -10.51
N ILE A 446 37.78 16.28 -10.99
CA ILE A 446 36.93 15.36 -11.77
C ILE A 446 37.33 15.51 -13.24
N PRO A 447 37.56 14.41 -13.90
CA PRO A 447 38.18 14.43 -15.22
C PRO A 447 37.44 15.27 -16.24
N GLY A 448 36.16 14.93 -16.46
CA GLY A 448 35.40 15.54 -17.53
C GLY A 448 35.42 17.05 -17.48
N PHE A 449 35.28 17.61 -16.29
CA PHE A 449 35.02 19.03 -16.12
C PHE A 449 36.20 19.81 -15.58
N GLY A 450 37.34 19.15 -15.29
CA GLY A 450 38.54 19.87 -14.93
C GLY A 450 38.70 19.99 -13.42
N ASN A 451 39.56 20.92 -12.98
CA ASN A 451 39.76 21.06 -11.54
C ASN A 451 38.48 21.56 -10.89
N LEU A 452 38.09 22.75 -11.28
CA LEU A 452 37.05 23.50 -10.60
C LEU A 452 35.75 23.20 -11.33
N SER A 453 35.25 22.01 -11.07
CA SER A 453 34.05 21.51 -11.72
C SER A 453 32.83 22.43 -11.51
N ALA A 454 32.87 23.36 -10.57
CA ALA A 454 31.67 24.15 -10.35
C ALA A 454 31.70 25.39 -11.20
N VAL A 455 32.84 26.06 -11.24
CA VAL A 455 32.89 27.25 -12.07
C VAL A 455 32.91 26.82 -13.54
N THR A 456 33.66 25.74 -13.85
CA THR A 456 33.79 25.28 -15.23
C THR A 456 32.42 25.12 -15.87
N ILE A 457 31.48 24.52 -15.13
CA ILE A 457 30.21 24.15 -15.75
C ILE A 457 29.14 25.21 -15.58
N CYS A 458 29.39 26.24 -14.79
CA CYS A 458 28.44 27.34 -14.74
C CYS A 458 28.72 28.40 -15.79
N ASP A 459 29.92 28.43 -16.38
CA ASP A 459 30.10 29.28 -17.55
C ASP A 459 29.56 28.63 -18.81
N GLU A 460 29.14 27.37 -18.69
CA GLU A 460 28.63 26.57 -19.85
C GLU A 460 27.17 26.16 -19.60
N LEU A 461 26.58 26.66 -18.52
CA LEU A 461 25.13 26.49 -18.27
C LEU A 461 24.66 27.93 -18.27
N LYS A 462 25.65 28.82 -18.36
CA LYS A 462 25.45 30.25 -18.53
C LYS A 462 24.51 30.78 -17.44
N ILE A 463 24.98 30.68 -16.19
CA ILE A 463 24.17 31.10 -15.05
C ILE A 463 24.52 32.54 -14.69
N GLN A 464 23.48 33.38 -14.58
CA GLN A 464 23.66 34.82 -14.36
C GLN A 464 23.70 35.20 -12.89
N SER A 465 22.86 34.55 -12.08
CA SER A 465 22.59 34.94 -10.70
C SER A 465 22.70 33.74 -9.76
N GLN A 466 22.65 34.04 -8.45
CA GLN A 466 22.34 33.00 -7.48
C GLN A 466 20.85 32.63 -7.49
N ASN A 467 20.09 33.21 -8.43
CA ASN A 467 18.66 32.97 -8.47
C ASN A 467 18.21 32.21 -9.72
N ASP A 468 19.10 32.01 -10.69
CA ASP A 468 18.79 31.06 -11.77
C ASP A 468 18.76 29.69 -11.09
N ARG A 469 17.58 29.31 -10.56
CA ARG A 469 17.53 28.17 -9.65
C ARG A 469 17.38 26.85 -10.38
N GLU A 470 16.49 26.80 -11.39
CA GLU A 470 16.28 25.55 -12.14
C GLU A 470 17.57 25.04 -12.77
N LYS A 471 18.34 25.95 -13.35
CA LYS A 471 19.55 25.57 -14.05
C LYS A 471 20.74 25.47 -13.09
N LEU A 472 20.67 26.12 -11.92
CA LEU A 472 21.65 25.92 -10.84
C LEU A 472 21.48 24.56 -10.17
N ALA A 473 20.30 23.94 -10.36
CA ALA A 473 19.95 22.68 -9.74
C ALA A 473 20.49 21.50 -10.56
N GLU A 474 20.32 21.58 -11.87
CA GLU A 474 20.83 20.53 -12.74
C GLU A 474 22.32 20.74 -13.09
N ALA A 475 22.85 21.96 -12.99
CA ALA A 475 24.29 22.09 -12.87
C ALA A 475 24.78 21.22 -11.72
N LYS A 476 24.19 21.40 -10.53
CA LYS A 476 24.61 20.63 -9.36
C LYS A 476 24.53 19.11 -9.59
N GLU A 477 23.56 18.63 -10.40
CA GLU A 477 23.22 17.20 -10.50
C GLU A 477 24.38 16.33 -10.99
N LYS A 478 24.75 16.46 -12.29
CA LYS A 478 25.82 15.65 -12.90
C LYS A 478 27.20 15.82 -12.23
N ILE A 479 27.35 16.75 -11.27
CA ILE A 479 28.65 17.19 -10.76
C ILE A 479 28.87 16.78 -9.30
N TYR A 480 27.82 16.88 -8.48
CA TYR A 480 27.91 16.34 -7.11
C TYR A 480 28.13 14.82 -7.13
N LEU A 481 27.44 14.08 -7.97
CA LEU A 481 27.69 12.66 -7.80
C LEU A 481 28.95 12.21 -8.55
N LYS A 482 29.24 12.77 -9.73
CA LYS A 482 30.48 12.42 -10.46
C LYS A 482 31.73 12.74 -9.64
N GLY A 483 31.77 13.94 -9.06
CA GLY A 483 32.81 14.27 -8.15
C GLY A 483 33.00 13.25 -7.07
N PHE A 484 31.99 12.41 -6.79
CA PHE A 484 32.02 11.52 -5.62
C PHE A 484 32.57 10.13 -5.88
N TYR A 485 32.72 9.70 -7.13
CA TYR A 485 33.55 8.53 -7.44
C TYR A 485 34.78 8.92 -8.24
N GLU A 486 34.58 9.57 -9.39
CA GLU A 486 35.68 9.94 -10.27
C GLU A 486 36.58 10.98 -9.60
N GLY A 487 36.05 11.70 -8.62
CA GLY A 487 36.84 12.64 -7.87
C GLY A 487 38.16 12.03 -7.48
N ILE A 488 39.18 12.86 -7.52
CA ILE A 488 40.49 12.53 -6.98
C ILE A 488 41.02 13.80 -6.30
N MET A 489 41.33 13.72 -5.00
CA MET A 489 41.76 14.87 -4.21
C MET A 489 43.03 15.48 -4.80
N LEU A 490 43.24 16.77 -4.58
CA LEU A 490 44.40 17.41 -5.19
C LEU A 490 45.43 17.83 -4.16
N VAL A 491 45.07 18.72 -3.21
CA VAL A 491 46.05 19.27 -2.26
C VAL A 491 46.48 18.19 -1.25
N ASP A 492 47.64 18.44 -0.66
CA ASP A 492 48.51 17.38 -0.16
C ASP A 492 47.86 16.65 1.01
N GLY A 493 48.63 15.74 1.61
CA GLY A 493 48.07 14.75 2.46
C GLY A 493 47.37 13.67 1.67
N PHE A 494 46.72 14.03 0.55
CA PHE A 494 45.92 13.11 -0.23
C PHE A 494 46.26 13.11 -1.70
N LYS A 495 47.46 13.57 -2.08
CA LYS A 495 47.75 13.91 -3.47
C LYS A 495 47.14 12.78 -4.31
N GLY A 496 46.12 13.11 -5.10
CA GLY A 496 45.54 12.18 -6.07
C GLY A 496 44.82 10.94 -5.57
N GLN A 497 44.22 11.01 -4.40
CA GLN A 497 43.41 9.92 -3.85
C GLN A 497 41.93 10.17 -4.11
N LYS A 498 41.20 9.13 -4.50
CA LYS A 498 39.82 9.37 -4.95
C LYS A 498 38.98 9.86 -3.77
N VAL A 499 37.88 10.54 -4.08
CA VAL A 499 37.01 11.06 -3.03
C VAL A 499 36.38 9.95 -2.22
N GLN A 500 35.78 8.97 -2.89
CA GLN A 500 35.09 7.89 -2.19
C GLN A 500 36.00 7.25 -1.12
N ASP A 501 37.31 7.20 -1.38
CA ASP A 501 38.28 6.70 -0.41
C ASP A 501 38.24 7.52 0.87
N VAL A 502 38.45 8.82 0.74
CA VAL A 502 38.92 9.66 1.83
C VAL A 502 37.84 10.42 2.56
N LYS A 503 36.69 10.72 1.93
CA LYS A 503 35.66 11.52 2.57
C LYS A 503 35.53 11.19 4.04
N LYS A 504 35.65 9.90 4.39
CA LYS A 504 35.60 9.50 5.79
C LYS A 504 36.78 10.09 6.58
N THR A 505 38.01 9.65 6.27
CA THR A 505 39.19 10.13 7.00
C THR A 505 39.43 11.65 6.88
N ILE A 506 38.82 12.38 5.93
CA ILE A 506 39.00 13.83 5.97
C ILE A 506 38.22 14.39 7.14
N GLN A 507 36.93 14.04 7.25
CA GLN A 507 36.13 14.44 8.41
C GLN A 507 36.74 13.89 9.70
N LYS A 508 37.32 12.69 9.63
CA LYS A 508 38.14 12.17 10.73
C LYS A 508 39.06 13.23 11.29
N LYS A 509 39.99 13.77 10.48
CA LYS A 509 41.00 14.67 11.02
C LYS A 509 40.43 16.02 11.45
N MET A 510 39.30 16.44 10.95
CA MET A 510 38.79 17.72 11.41
C MET A 510 38.22 17.59 12.82
N ILE A 511 37.71 16.41 13.18
CA ILE A 511 37.15 16.24 14.53
C ILE A 511 38.27 16.14 15.54
N ASP A 512 39.10 15.13 15.36
CA ASP A 512 40.32 14.89 16.11
C ASP A 512 41.02 16.20 16.42
N ALA A 513 41.21 17.07 15.42
CA ALA A 513 41.79 18.38 15.70
C ALA A 513 40.80 19.40 16.32
N GLY A 514 39.55 19.00 16.62
CA GLY A 514 38.61 19.87 17.32
C GLY A 514 38.04 21.00 16.50
N ASP A 515 38.15 20.94 15.18
CA ASP A 515 37.62 21.96 14.28
C ASP A 515 36.20 21.65 13.82
N ALA A 516 35.67 20.47 14.13
CA ALA A 516 34.30 20.10 13.76
C ALA A 516 33.85 18.84 14.51
N LEU A 517 32.54 18.69 14.63
CA LEU A 517 31.93 17.55 15.29
C LEU A 517 30.62 17.23 14.57
N ILE A 518 29.80 16.35 15.17
CA ILE A 518 28.72 15.65 14.46
C ILE A 518 27.34 16.30 14.63
N TYR A 519 26.75 16.75 13.51
CA TYR A 519 25.37 17.22 13.56
C TYR A 519 24.47 16.20 12.88
N MET A 520 23.25 16.04 13.38
CA MET A 520 22.30 15.14 12.77
C MET A 520 20.89 15.73 12.83
N GLU A 521 20.09 15.42 11.83
CA GLU A 521 18.90 16.20 11.58
C GLU A 521 17.88 15.30 10.95
N PRO A 522 16.60 15.60 11.07
CA PRO A 522 15.59 14.91 10.26
C PRO A 522 15.85 15.14 8.77
N GLU A 523 15.93 14.02 8.01
CA GLU A 523 16.19 14.05 6.58
C GLU A 523 15.29 15.11 5.98
N LYS A 524 13.99 14.82 6.09
CA LYS A 524 12.86 15.68 5.78
C LYS A 524 12.13 15.96 7.09
N GLN A 525 11.39 17.07 7.16
CA GLN A 525 10.73 17.45 8.40
C GLN A 525 9.84 16.30 8.83
N VAL A 526 9.80 16.05 10.14
CA VAL A 526 8.92 15.05 10.73
C VAL A 526 8.14 15.73 11.84
N MET A 527 6.83 15.89 11.66
CA MET A 527 5.95 16.28 12.77
C MET A 527 5.40 15.03 13.47
N SER A 528 5.11 15.13 14.78
CA SER A 528 4.75 13.92 15.53
C SER A 528 3.23 13.70 15.52
N ARG A 529 2.78 12.65 16.20
CA ARG A 529 1.34 12.51 16.36
C ARG A 529 0.76 13.67 17.13
N SER A 530 1.55 14.25 18.04
CA SER A 530 1.17 15.39 18.86
C SER A 530 1.63 16.70 18.28
N SER A 531 1.78 16.75 16.96
CA SER A 531 2.01 18.01 16.25
C SER A 531 3.34 18.67 16.62
N ASP A 532 4.37 17.87 16.90
CA ASP A 532 5.65 18.42 17.29
C ASP A 532 6.65 18.21 16.18
N GLU A 533 7.42 19.25 15.86
CA GLU A 533 8.55 18.97 14.97
C GLU A 533 9.57 18.05 15.66
N CYS A 534 9.47 16.74 15.45
CA CYS A 534 10.52 15.85 15.92
C CYS A 534 11.90 16.32 15.45
N VAL A 535 12.92 15.86 16.18
CA VAL A 535 14.30 16.18 15.88
C VAL A 535 15.15 14.98 16.24
N VAL A 536 16.29 14.86 15.56
CA VAL A 536 17.17 13.71 15.78
C VAL A 536 17.90 13.87 17.10
N ALA A 537 17.59 12.97 18.04
CA ALA A 537 18.22 13.03 19.35
C ALA A 537 19.29 11.95 19.47
N LEU A 538 19.92 11.92 20.64
CA LEU A 538 20.95 10.94 20.97
C LEU A 538 20.76 10.53 22.41
N CYS A 539 20.26 9.31 22.62
CA CYS A 539 19.57 9.03 23.88
C CYS A 539 19.72 7.58 24.33
N ASP A 540 19.63 7.41 25.65
CA ASP A 540 19.34 6.10 26.19
C ASP A 540 18.00 5.62 25.62
N GLN A 541 17.99 4.38 25.17
CA GLN A 541 16.79 3.76 24.62
C GLN A 541 16.99 2.26 24.76
N TRP A 542 15.92 1.51 24.56
CA TRP A 542 16.02 0.08 24.38
C TRP A 542 15.73 -0.22 22.92
N TYR A 543 16.67 -0.84 22.24
CA TYR A 543 16.60 -0.98 20.81
C TYR A 543 16.60 -2.45 20.38
N LEU A 544 15.81 -2.75 19.35
CA LEU A 544 15.84 -4.07 18.73
C LEU A 544 16.94 -4.12 17.67
N ASP A 545 17.71 -5.18 17.76
CA ASP A 545 18.95 -5.39 17.04
C ASP A 545 18.57 -5.67 15.60
N TYR A 546 17.87 -4.72 14.90
CA TYR A 546 17.26 -5.25 13.65
C TYR A 546 18.20 -5.39 12.59
N GLY A 547 19.48 -5.20 12.89
CA GLY A 547 20.49 -5.21 11.86
C GLY A 547 21.64 -6.16 12.09
N GLU A 548 21.72 -6.78 13.27
CA GLU A 548 22.69 -7.84 13.57
C GLU A 548 22.67 -8.89 12.49
N GLU A 549 23.83 -9.14 11.88
CA GLU A 549 23.80 -9.91 10.63
C GLU A 549 23.07 -11.24 10.81
N ASN A 550 23.57 -12.12 11.69
CA ASN A 550 22.98 -13.46 11.74
C ASN A 550 21.49 -13.43 12.02
N TRP A 551 20.92 -12.26 12.36
CA TRP A 551 19.47 -12.21 12.39
C TRP A 551 18.89 -11.82 11.02
N LYS A 552 19.45 -10.77 10.44
CA LYS A 552 19.11 -10.35 9.10
C LYS A 552 19.12 -11.50 8.11
N LYS A 553 20.25 -12.24 8.01
CA LYS A 553 20.35 -13.28 6.97
C LYS A 553 19.34 -14.39 7.18
N GLN A 554 18.91 -14.63 8.42
CA GLN A 554 17.91 -15.67 8.65
C GLN A 554 16.56 -15.26 8.08
N THR A 555 16.10 -14.08 8.43
CA THR A 555 14.77 -13.70 8.01
C THR A 555 14.66 -13.44 6.50
N SER A 556 15.76 -13.13 5.80
CA SER A 556 15.66 -12.97 4.35
C SER A 556 15.28 -14.29 3.70
N GLN A 557 15.60 -15.41 4.37
CA GLN A 557 15.09 -16.76 4.14
C GLN A 557 13.68 -16.93 4.68
N CYS A 558 13.20 -15.94 5.39
CA CYS A 558 11.78 -15.87 5.60
C CYS A 558 11.13 -14.93 4.62
N LEU A 559 11.87 -13.94 4.07
CA LEU A 559 11.32 -13.13 2.99
C LEU A 559 11.18 -13.95 1.70
N LYS A 560 12.28 -14.57 1.28
CA LYS A 560 12.22 -15.46 0.12
C LYS A 560 11.21 -16.59 0.32
N ASN A 561 11.21 -17.22 1.50
CA ASN A 561 10.28 -18.32 1.72
C ASN A 561 8.83 -17.86 1.81
N LEU A 562 8.56 -16.70 2.40
CA LEU A 562 7.23 -16.16 2.34
C LEU A 562 6.78 -16.02 0.86
N GLU A 563 5.46 -15.95 0.63
CA GLU A 563 4.93 -15.68 -0.70
C GLU A 563 4.33 -14.28 -0.72
N THR A 564 4.78 -13.46 -1.64
CA THR A 564 4.17 -12.18 -1.77
C THR A 564 3.19 -12.30 -2.92
N PHE A 565 2.53 -11.23 -3.32
CA PHE A 565 1.58 -11.45 -4.39
C PHE A 565 2.01 -10.86 -5.73
N CYS A 566 2.90 -9.87 -5.73
CA CYS A 566 3.58 -9.48 -6.96
C CYS A 566 5.07 -9.35 -6.65
N GLU A 567 5.87 -8.76 -7.55
CA GLU A 567 7.27 -8.54 -7.21
C GLU A 567 7.63 -7.07 -7.12
N GLU A 568 6.60 -6.24 -6.96
CA GLU A 568 6.75 -4.96 -6.31
C GLU A 568 6.50 -5.04 -4.81
N THR A 569 5.94 -6.16 -4.32
CA THR A 569 5.82 -6.38 -2.88
C THR A 569 7.16 -6.85 -2.35
N ARG A 570 7.57 -8.08 -2.73
CA ARG A 570 8.87 -8.61 -2.33
C ARG A 570 9.98 -7.60 -2.58
N ARG A 571 9.79 -6.66 -3.50
CA ARG A 571 10.78 -5.63 -3.69
C ARG A 571 10.93 -4.76 -2.47
N ASN A 572 9.81 -4.28 -1.94
CA ASN A 572 9.81 -3.30 -0.84
C ASN A 572 10.58 -3.85 0.35
N PHE A 573 10.13 -4.99 0.92
CA PHE A 573 10.88 -5.68 1.99
C PHE A 573 12.30 -5.96 1.60
N GLU A 574 12.49 -6.61 0.45
CA GLU A 574 13.83 -6.76 -0.08
C GLU A 574 14.58 -5.43 -0.02
N ALA A 575 13.92 -4.28 0.09
CA ALA A 575 14.70 -3.12 0.53
C ALA A 575 14.85 -3.08 2.06
N THR A 576 13.72 -2.93 2.76
CA THR A 576 13.76 -2.55 4.17
C THR A 576 14.68 -3.46 4.95
N LEU A 577 14.78 -4.72 4.55
CA LEU A 577 15.68 -5.62 5.25
C LEU A 577 17.09 -5.10 5.22
N GLY A 578 17.51 -4.55 4.08
CA GLY A 578 18.88 -4.13 3.91
C GLY A 578 19.27 -2.93 4.74
N TRP A 579 18.28 -2.08 5.11
CA TRP A 579 18.56 -0.86 5.88
C TRP A 579 18.23 -0.96 7.36
N LEU A 580 17.42 -1.92 7.80
CA LEU A 580 16.98 -1.92 9.19
C LEU A 580 18.17 -2.19 10.13
N GLN A 581 18.40 -1.29 11.09
CA GLN A 581 19.25 -1.49 12.28
C GLN A 581 18.57 -0.82 13.47
N GLU A 582 19.38 -0.29 14.39
CA GLU A 582 18.92 0.11 15.70
C GLU A 582 17.56 0.82 15.50
N HIS A 583 16.49 0.12 15.96
CA HIS A 583 15.14 0.65 15.98
C HIS A 583 14.73 0.60 17.43
N ALA A 584 14.58 1.79 18.06
CA ALA A 584 14.16 1.94 19.45
C ALA A 584 12.72 1.47 19.69
N CYS A 585 12.50 0.71 20.76
CA CYS A 585 11.13 0.47 21.20
C CYS A 585 10.82 1.12 22.55
N SER A 586 11.75 1.88 23.14
CA SER A 586 11.58 2.41 24.50
C SER A 586 10.86 3.76 24.50
N ARG A 587 9.54 3.74 24.72
CA ARG A 587 8.75 4.96 24.92
C ARG A 587 8.45 5.12 26.40
N THR A 588 8.63 6.32 26.89
CA THR A 588 8.20 6.65 28.23
C THR A 588 6.86 7.37 28.25
N TYR A 589 6.14 7.37 27.12
CA TYR A 589 4.90 8.12 26.93
C TYR A 589 4.06 7.45 25.85
N GLY A 590 2.77 7.24 26.15
CA GLY A 590 1.82 6.64 25.22
C GLY A 590 1.16 5.44 25.86
N LEU A 591 -0.03 5.06 25.44
CA LEU A 591 -0.64 3.85 26.01
C LEU A 591 0.15 2.61 25.59
N GLY A 592 0.12 1.57 26.43
CA GLY A 592 0.91 0.41 26.06
C GLY A 592 0.99 -0.74 27.04
N THR A 593 2.11 -1.48 26.98
CA THR A 593 2.53 -2.39 28.04
C THR A 593 3.93 -1.95 28.44
N HIS A 594 4.23 -2.04 29.75
CA HIS A 594 5.53 -1.68 30.32
C HIS A 594 6.55 -2.84 30.17
N LEU A 595 7.84 -2.48 29.79
CA LEU A 595 8.98 -3.43 29.68
C LEU A 595 9.37 -4.03 31.03
N PRO A 596 9.49 -5.32 31.14
CA PRO A 596 9.62 -5.90 32.48
C PRO A 596 11.03 -5.95 33.11
N TRP A 597 12.06 -5.17 32.71
CA TRP A 597 13.25 -5.08 33.58
C TRP A 597 13.82 -3.68 33.80
N ASP A 598 13.34 -2.69 33.06
CA ASP A 598 13.51 -1.25 33.31
C ASP A 598 12.10 -0.66 33.23
N GLU A 599 11.22 -1.22 34.07
CA GLU A 599 9.76 -0.99 34.07
C GLU A 599 9.27 0.42 33.69
N GLN A 600 10.17 1.42 33.80
CA GLN A 600 9.89 2.83 33.56
C GLN A 600 9.62 3.06 32.07
N TRP A 601 9.84 2.03 31.26
CA TRP A 601 9.74 2.11 29.82
C TRP A 601 8.45 1.46 29.31
N LEU A 602 7.80 2.09 28.35
CA LEU A 602 6.67 1.47 27.66
C LEU A 602 7.09 0.99 26.27
N ILE A 603 6.18 0.25 25.57
CA ILE A 603 6.48 -0.38 24.29
C ILE A 603 5.83 0.37 23.16
N GLU A 604 6.62 0.63 22.11
CA GLU A 604 6.15 1.44 21.00
C GLU A 604 5.29 0.58 20.09
N SER A 605 4.34 1.25 19.41
CA SER A 605 3.10 0.62 18.94
C SER A 605 3.38 -0.59 18.07
N LEU A 606 4.51 -0.54 17.33
CA LEU A 606 4.92 -1.42 16.22
C LEU A 606 5.66 -2.66 16.67
N SER A 607 6.14 -2.67 17.92
CA SER A 607 7.02 -3.70 18.41
C SER A 607 6.37 -4.57 19.49
N ASP A 608 5.22 -4.15 20.01
CA ASP A 608 4.35 -5.07 20.69
C ASP A 608 3.33 -5.71 19.75
N SER A 609 3.55 -5.60 18.45
CA SER A 609 2.48 -5.83 17.48
C SER A 609 2.86 -6.87 16.41
N THR A 610 3.80 -7.78 16.71
CA THR A 610 4.49 -8.48 15.64
C THR A 610 4.32 -9.99 15.67
N ILE A 611 4.24 -10.59 16.83
CA ILE A 611 3.86 -11.98 16.84
C ILE A 611 2.50 -12.16 17.49
N TYR A 612 1.79 -11.06 17.79
CA TYR A 612 0.50 -11.16 18.46
C TYR A 612 -0.45 -12.13 17.79
N MET A 613 -0.31 -12.36 16.48
CA MET A 613 -1.26 -13.24 15.80
C MET A 613 -1.56 -14.49 16.61
N ALA A 614 -0.53 -15.13 17.17
CA ALA A 614 -0.74 -16.33 17.97
C ALA A 614 -1.67 -16.09 19.18
N PHE A 615 -1.76 -14.85 19.67
CA PHE A 615 -2.79 -14.53 20.68
C PHE A 615 -4.18 -14.80 20.14
N TYR A 616 -4.42 -14.37 18.90
CA TYR A 616 -5.62 -14.76 18.18
C TYR A 616 -5.87 -16.27 18.27
N THR A 617 -4.83 -17.10 18.49
CA THR A 617 -5.09 -18.54 18.57
C THR A 617 -5.67 -18.99 19.88
N VAL A 618 -5.51 -18.22 20.97
CA VAL A 618 -5.98 -18.65 22.29
C VAL A 618 -6.86 -17.64 22.98
N ALA A 619 -7.09 -16.47 22.39
CA ALA A 619 -7.82 -15.39 23.06
C ALA A 619 -9.25 -15.80 23.40
N HIS A 620 -9.81 -16.77 22.66
CA HIS A 620 -11.18 -17.22 22.87
C HIS A 620 -11.34 -18.06 24.13
N LEU A 621 -10.27 -18.71 24.58
CA LEU A 621 -10.29 -19.50 25.80
C LEU A 621 -9.83 -18.71 27.02
N LEU A 622 -8.85 -17.83 26.86
CA LEU A 622 -8.47 -16.94 27.93
C LEU A 622 -9.45 -15.76 28.06
N GLN A 623 -9.54 -14.91 27.04
CA GLN A 623 -10.36 -13.73 27.22
C GLN A 623 -11.84 -13.98 27.01
N GLY A 624 -12.21 -15.23 26.74
CA GLY A 624 -13.59 -15.66 26.56
C GLY A 624 -14.43 -14.83 25.61
N GLY A 625 -13.81 -13.92 24.84
CA GLY A 625 -14.60 -13.01 24.07
C GLY A 625 -15.09 -11.80 24.85
N ASN A 626 -14.43 -11.46 25.97
CA ASN A 626 -14.42 -10.08 26.44
C ASN A 626 -13.51 -9.24 25.54
N LEU A 627 -13.48 -7.94 25.78
CA LEU A 627 -12.57 -7.14 25.00
C LEU A 627 -11.36 -6.72 25.82
N HIS A 628 -11.58 -6.22 27.04
CA HIS A 628 -10.45 -5.96 27.92
C HIS A 628 -9.93 -7.21 28.59
N GLY A 629 -10.59 -8.34 28.37
CA GLY A 629 -10.25 -9.55 29.12
C GLY A 629 -10.17 -9.30 30.60
N GLN A 630 -11.07 -8.48 31.13
CA GLN A 630 -11.03 -8.30 32.55
C GLN A 630 -11.93 -9.31 33.23
N ALA A 631 -13.06 -9.62 32.62
CA ALA A 631 -13.95 -10.63 33.18
C ALA A 631 -13.22 -11.99 33.33
N GLU A 632 -13.95 -12.94 33.91
CA GLU A 632 -13.36 -14.23 34.27
C GLU A 632 -13.22 -15.14 33.06
N SER A 633 -12.14 -15.90 33.06
CA SER A 633 -11.91 -16.78 31.96
C SER A 633 -12.91 -17.93 32.01
N PRO A 634 -13.28 -18.44 30.83
CA PRO A 634 -13.89 -19.77 30.76
C PRO A 634 -12.94 -20.92 31.13
N LEU A 635 -11.64 -20.77 30.94
CA LEU A 635 -10.66 -21.78 31.33
C LEU A 635 -10.00 -21.43 32.67
N GLY A 636 -10.59 -20.50 33.41
CA GLY A 636 -10.30 -20.27 34.82
C GLY A 636 -8.89 -19.82 35.14
N ILE A 637 -8.02 -19.70 34.13
CA ILE A 637 -6.62 -19.25 34.33
C ILE A 637 -6.63 -17.79 34.76
N ARG A 638 -6.29 -17.54 36.01
CA ARG A 638 -6.20 -16.16 36.43
C ARG A 638 -5.14 -15.46 35.57
N PRO A 639 -5.32 -14.18 35.26
CA PRO A 639 -4.29 -13.44 34.56
C PRO A 639 -2.93 -13.55 35.21
N GLN A 640 -2.90 -13.51 36.55
CA GLN A 640 -1.68 -13.83 37.29
C GLN A 640 -1.14 -15.21 36.89
N GLN A 641 -2.02 -16.18 36.58
CA GLN A 641 -1.67 -17.59 36.62
C GLN A 641 -1.02 -18.11 35.34
N MET A 642 -0.47 -17.24 34.51
CA MET A 642 0.13 -17.67 33.26
C MET A 642 1.44 -16.96 33.09
N THR A 643 2.52 -17.71 33.24
CA THR A 643 3.88 -17.20 33.43
C THR A 643 4.85 -17.74 32.40
N LYS A 644 6.06 -17.13 32.33
CA LYS A 644 6.93 -17.32 31.16
C LYS A 644 7.18 -18.81 30.87
N GLU A 645 7.13 -19.67 31.88
CA GLU A 645 7.14 -21.10 31.62
C GLU A 645 5.83 -21.57 30.98
N VAL A 646 4.69 -21.04 31.44
CA VAL A 646 3.38 -21.44 30.92
C VAL A 646 3.26 -21.11 29.42
N TRP A 647 3.53 -19.85 29.03
CA TRP A 647 3.51 -19.53 27.61
C TRP A 647 4.37 -20.53 26.86
N ASP A 648 5.66 -20.55 27.20
CA ASP A 648 6.67 -21.39 26.58
C ASP A 648 6.20 -22.79 26.21
N TYR A 649 5.52 -23.48 27.13
CA TYR A 649 4.88 -24.74 26.77
C TYR A 649 3.91 -24.52 25.62
N VAL A 650 2.95 -23.62 25.82
CA VAL A 650 1.88 -23.40 24.86
C VAL A 650 2.42 -23.18 23.45
N PHE A 651 3.63 -22.59 23.32
CA PHE A 651 4.12 -21.93 22.11
C PHE A 651 5.41 -22.48 21.48
N PHE A 652 6.28 -23.16 22.22
CA PHE A 652 7.41 -23.87 21.64
C PHE A 652 7.13 -25.35 21.77
N LYS A 653 7.12 -26.07 20.64
CA LYS A 653 6.62 -27.45 20.68
C LYS A 653 7.33 -28.22 21.78
N GLU A 654 8.66 -28.19 21.77
CA GLU A 654 9.46 -29.09 22.59
C GLU A 654 9.71 -28.53 23.98
N ALA A 655 8.77 -27.72 24.49
CA ALA A 655 8.77 -27.07 25.79
C ALA A 655 8.22 -28.00 26.87
N PRO A 656 8.83 -27.99 28.07
CA PRO A 656 8.42 -28.92 29.13
C PRO A 656 7.26 -28.39 29.93
N PHE A 657 6.37 -29.29 30.32
CA PHE A 657 5.31 -28.93 31.22
C PHE A 657 5.89 -28.07 32.33
N PRO A 658 5.20 -27.09 32.78
CA PRO A 658 5.69 -26.34 33.94
C PRO A 658 4.91 -26.66 35.23
N LYS A 659 5.43 -26.31 36.40
CA LYS A 659 4.68 -26.45 37.66
C LYS A 659 3.71 -25.26 37.80
N THR A 660 2.70 -25.27 36.92
CA THR A 660 1.69 -24.23 36.96
C THR A 660 0.65 -24.53 38.02
N GLN A 661 -0.16 -23.51 38.29
CA GLN A 661 -1.22 -23.62 39.27
C GLN A 661 -2.60 -23.95 38.63
N ILE A 662 -2.65 -24.15 37.30
CA ILE A 662 -3.79 -24.74 36.57
C ILE A 662 -3.37 -26.07 35.96
N ALA A 663 -4.13 -27.13 36.23
CA ALA A 663 -3.63 -28.48 35.97
C ALA A 663 -3.52 -28.73 34.47
N LYS A 664 -3.21 -29.99 34.14
CA LYS A 664 -2.70 -30.32 32.83
C LYS A 664 -3.79 -30.17 31.77
N GLU A 665 -5.02 -30.63 32.07
CA GLU A 665 -6.13 -30.74 31.11
C GLU A 665 -6.50 -29.42 30.47
N LYS A 666 -6.20 -28.28 31.12
CA LYS A 666 -6.52 -26.96 30.57
C LYS A 666 -5.44 -26.49 29.59
N LEU A 667 -4.17 -26.69 29.96
CA LEU A 667 -3.01 -26.15 29.26
C LEU A 667 -2.53 -27.05 28.14
N ASP A 668 -2.95 -28.30 28.12
CA ASP A 668 -2.77 -29.06 26.90
C ASP A 668 -3.64 -28.50 25.79
N GLN A 669 -4.67 -27.74 26.15
CA GLN A 669 -5.66 -27.29 25.17
C GLN A 669 -5.12 -26.24 24.23
N LEU A 670 -4.45 -25.24 24.77
CA LEU A 670 -3.96 -24.13 23.98
C LEU A 670 -2.71 -24.50 23.20
N LYS A 671 -1.95 -25.52 23.59
CA LYS A 671 -0.94 -26.01 22.65
C LYS A 671 -1.61 -26.70 21.46
N GLN A 672 -2.79 -27.27 21.67
CA GLN A 672 -3.50 -27.89 20.57
C GLN A 672 -3.99 -26.85 19.58
N GLU A 673 -4.62 -25.79 20.10
CA GLU A 673 -5.11 -24.72 19.24
C GLU A 673 -3.98 -24.02 18.52
N PHE A 674 -2.98 -23.55 19.27
CA PHE A 674 -1.84 -22.89 18.63
C PHE A 674 -1.27 -23.72 17.50
N GLU A 675 -0.65 -24.87 17.84
CA GLU A 675 0.05 -25.67 16.83
C GLU A 675 -0.89 -26.12 15.71
N PHE A 676 -2.18 -25.85 15.82
CA PHE A 676 -3.09 -26.25 14.76
C PHE A 676 -3.28 -25.17 13.69
N TRP A 677 -3.35 -23.90 14.10
CA TRP A 677 -3.60 -22.87 13.12
C TRP A 677 -2.33 -22.21 12.64
N TYR A 678 -1.35 -22.01 13.51
CA TYR A 678 -0.09 -21.55 12.97
C TYR A 678 0.41 -22.52 11.90
N PRO A 679 1.04 -22.01 10.86
CA PRO A 679 1.41 -20.61 10.87
C PRO A 679 0.40 -19.75 10.11
N VAL A 680 0.71 -18.46 10.01
CA VAL A 680 -0.21 -17.40 9.58
C VAL A 680 -0.23 -17.31 8.05
N ASP A 681 -1.31 -17.84 7.44
CA ASP A 681 -1.43 -18.03 5.99
C ASP A 681 -1.46 -16.71 5.21
N LEU A 682 -1.62 -15.57 5.87
CA LEU A 682 -2.07 -14.40 5.15
C LEU A 682 -2.03 -13.22 6.11
N ARG A 683 -1.84 -12.05 5.54
CA ARG A 683 -2.00 -10.79 6.21
C ARG A 683 -2.36 -9.89 5.07
N VAL A 684 -3.54 -9.33 5.08
CA VAL A 684 -3.83 -8.34 4.06
C VAL A 684 -3.87 -6.99 4.77
N SER A 685 -2.92 -6.12 4.44
CA SER A 685 -2.76 -4.80 5.06
C SER A 685 -2.98 -3.72 4.01
N GLY A 686 -2.64 -2.50 4.37
CA GLY A 686 -2.37 -1.50 3.37
C GLY A 686 -0.97 -1.68 2.82
N LYS A 687 -0.63 -0.88 1.83
CA LYS A 687 0.74 -0.97 1.32
C LYS A 687 1.70 -0.19 2.19
N ASP A 688 1.22 0.26 3.35
CA ASP A 688 1.93 1.28 4.10
C ASP A 688 2.60 0.75 5.34
N LEU A 689 2.17 -0.41 5.82
CA LEU A 689 2.85 -1.16 6.87
C LEU A 689 3.83 -2.16 6.30
N VAL A 690 4.04 -2.17 4.98
CA VAL A 690 4.97 -3.11 4.37
C VAL A 690 6.36 -2.86 4.94
N PRO A 691 6.87 -1.65 4.81
CA PRO A 691 8.25 -1.46 5.20
C PRO A 691 8.44 -1.36 6.68
N ASN A 692 7.40 -1.12 7.51
CA ASN A 692 7.68 -1.06 8.94
C ASN A 692 7.11 -2.22 9.74
N HIS A 693 5.79 -2.37 9.90
CA HIS A 693 5.27 -3.42 10.78
C HIS A 693 5.53 -4.80 10.23
N LEU A 694 5.12 -5.04 8.99
CA LEU A 694 5.21 -6.34 8.34
C LEU A 694 6.64 -6.80 8.13
N SER A 695 7.60 -5.89 8.12
CA SER A 695 9.00 -6.26 8.07
C SER A 695 9.55 -6.60 9.47
N TYR A 696 8.92 -6.11 10.55
CA TYR A 696 9.18 -6.61 11.89
C TYR A 696 8.37 -7.86 12.20
N TYR A 697 7.30 -8.07 11.42
CA TYR A 697 6.53 -9.31 11.51
C TYR A 697 7.44 -10.52 11.33
N LEU A 698 8.54 -10.35 10.63
CA LEU A 698 9.35 -11.47 10.21
C LEU A 698 10.58 -11.63 11.07
N TYR A 699 11.26 -10.52 11.32
CA TYR A 699 12.30 -10.54 12.35
C TYR A 699 11.78 -11.27 13.58
N ASN A 700 10.77 -10.72 14.25
CA ASN A 700 10.19 -11.33 15.45
C ASN A 700 9.83 -12.82 15.28
N HIS A 701 9.21 -13.15 14.14
CA HIS A 701 8.77 -14.53 13.94
C HIS A 701 9.98 -15.42 13.78
N VAL A 702 10.99 -14.94 13.05
CA VAL A 702 12.23 -15.70 12.97
C VAL A 702 12.86 -15.84 14.35
N ALA A 703 13.11 -14.71 15.01
CA ALA A 703 13.92 -14.74 16.22
C ALA A 703 13.23 -15.36 17.42
N MET A 704 11.90 -15.44 17.47
CA MET A 704 11.23 -16.10 18.59
C MET A 704 11.03 -17.61 18.41
N TRP A 705 10.52 -18.09 17.29
CA TRP A 705 10.71 -19.52 17.06
C TRP A 705 11.97 -19.73 16.26
N PRO A 706 13.05 -20.25 16.87
CA PRO A 706 14.37 -20.08 16.26
C PRO A 706 14.58 -21.06 15.16
N GLU A 707 13.86 -22.15 15.20
CA GLU A 707 14.01 -23.20 14.21
C GLU A 707 12.70 -23.77 13.73
N GLN A 708 11.57 -23.35 14.30
CA GLN A 708 10.28 -23.87 13.87
C GLN A 708 9.88 -23.27 12.50
N SER A 709 10.78 -23.48 11.52
CA SER A 709 10.62 -22.85 10.22
C SER A 709 9.19 -23.00 9.75
N ASP A 710 8.55 -24.12 10.10
CA ASP A 710 7.16 -24.35 9.72
C ASP A 710 6.20 -23.40 10.43
N LYS A 711 6.63 -22.69 11.48
CA LYS A 711 5.69 -21.77 12.11
C LYS A 711 5.80 -20.35 11.54
N TRP A 712 6.82 -20.08 10.73
CA TRP A 712 7.06 -18.75 10.17
C TRP A 712 5.90 -18.30 9.26
N PRO A 713 5.87 -17.03 8.87
CA PRO A 713 4.82 -16.59 7.95
C PRO A 713 4.91 -17.27 6.59
N THR A 714 3.74 -17.63 6.06
CA THR A 714 3.61 -18.25 4.75
C THR A 714 3.22 -17.26 3.66
N ALA A 715 2.24 -16.37 3.90
CA ALA A 715 1.94 -15.41 2.83
C ALA A 715 1.50 -14.08 3.40
N VAL A 716 1.55 -13.07 2.53
CA VAL A 716 1.22 -11.67 2.82
C VAL A 716 0.97 -10.94 1.51
N ARG A 717 -0.13 -10.17 1.48
CA ARG A 717 -0.60 -9.48 0.27
C ARG A 717 -0.75 -7.99 0.48
N ALA A 718 0.15 -7.22 -0.16
CA ALA A 718 0.14 -5.77 -0.17
C ALA A 718 -0.88 -5.26 -1.15
N ASN A 719 -1.83 -4.41 -0.69
CA ASN A 719 -2.65 -3.63 -1.61
C ASN A 719 -2.52 -2.15 -1.28
N GLY A 720 -3.05 -1.27 -2.15
CA GLY A 720 -2.83 0.16 -2.07
C GLY A 720 -3.83 0.88 -1.19
N HIS A 721 -3.76 2.21 -1.21
CA HIS A 721 -4.69 2.99 -0.40
C HIS A 721 -6.00 3.17 -1.17
N LEU A 722 -7.04 3.75 -0.53
CA LEU A 722 -8.40 3.73 -1.07
C LEU A 722 -8.89 5.10 -1.50
N LEU A 723 -9.37 5.18 -2.75
CA LEU A 723 -9.92 6.39 -3.36
C LEU A 723 -11.44 6.27 -3.36
N LEU A 724 -12.11 7.16 -2.62
CA LEU A 724 -13.56 7.26 -2.68
C LEU A 724 -13.94 8.27 -3.76
N ASN A 725 -14.53 7.76 -4.84
CA ASN A 725 -15.02 8.54 -5.98
C ASN A 725 -13.89 9.31 -6.65
N SER A 726 -12.68 8.73 -6.59
CA SER A 726 -11.48 9.22 -7.27
C SER A 726 -10.89 10.48 -6.63
N GLU A 727 -10.65 10.43 -5.32
CA GLU A 727 -9.82 11.46 -4.71
C GLU A 727 -9.27 10.91 -3.39
N LYS A 728 -8.12 11.48 -2.96
CA LYS A 728 -7.64 11.24 -1.62
C LYS A 728 -8.81 11.36 -0.65
N MET A 729 -9.11 10.24 0.02
CA MET A 729 -10.11 10.19 1.07
C MET A 729 -9.56 10.96 2.29
N SER A 730 -9.76 12.30 2.29
CA SER A 730 -9.32 13.21 3.35
C SER A 730 -10.53 13.90 4.01
N LYS A 731 -10.60 13.87 5.35
CA LYS A 731 -11.80 14.41 6.00
C LYS A 731 -11.82 15.91 5.89
N SER A 732 -10.70 16.45 5.41
CA SER A 732 -10.56 17.82 4.97
C SER A 732 -11.67 18.14 3.97
N THR A 733 -11.56 17.62 2.73
CA THR A 733 -12.23 18.18 1.56
C THR A 733 -13.60 17.55 1.23
N GLY A 734 -14.37 17.11 2.23
CA GLY A 734 -15.66 16.49 1.94
C GLY A 734 -15.61 15.23 1.09
N ASN A 735 -14.51 14.47 1.17
CA ASN A 735 -14.33 13.23 0.38
C ASN A 735 -13.86 12.07 1.28
N PHE A 736 -14.78 11.45 2.05
CA PHE A 736 -14.40 10.55 3.14
C PHE A 736 -15.63 9.77 3.64
N LEU A 737 -15.43 8.52 4.07
CA LEU A 737 -16.54 7.64 4.48
C LEU A 737 -16.16 6.60 5.55
N THR A 738 -17.01 6.42 6.55
CA THR A 738 -16.74 5.48 7.62
C THR A 738 -17.61 4.24 7.46
N LEU A 739 -17.17 3.12 8.04
CA LEU A 739 -17.94 1.90 7.83
C LEU A 739 -19.39 2.09 8.26
N THR A 740 -19.61 2.70 9.42
CA THR A 740 -20.97 2.96 9.89
C THR A 740 -21.68 3.99 9.00
N GLN A 741 -20.92 4.76 8.22
CA GLN A 741 -21.49 5.70 7.26
C GLN A 741 -21.84 4.99 5.95
N ALA A 742 -20.89 4.26 5.33
CA ALA A 742 -21.22 3.60 4.07
C ALA A 742 -22.31 2.55 4.27
N ILE A 743 -22.12 1.63 5.23
CA ILE A 743 -23.06 0.52 5.39
C ILE A 743 -24.51 0.98 5.47
N ASP A 744 -24.74 2.19 5.96
CA ASP A 744 -26.11 2.68 5.96
C ASP A 744 -26.46 3.46 4.72
N LYS A 745 -25.45 3.87 3.94
CA LYS A 745 -25.68 4.54 2.67
C LYS A 745 -26.07 3.55 1.56
N PHE A 746 -25.24 2.54 1.30
CA PHE A 746 -25.58 1.41 0.47
C PHE A 746 -25.45 0.16 1.30
N SER A 747 -26.39 -0.76 1.15
CA SER A 747 -26.29 -2.03 1.83
C SER A 747 -24.85 -2.51 1.86
N ALA A 748 -24.43 -2.99 3.02
CA ALA A 748 -23.13 -3.62 3.16
C ALA A 748 -22.85 -4.66 2.06
N ASP A 749 -23.85 -5.48 1.73
CA ASP A 749 -23.69 -6.39 0.60
C ASP A 749 -23.47 -5.62 -0.71
N GLY A 750 -23.77 -4.30 -0.78
CA GLY A 750 -23.50 -3.47 -1.94
C GLY A 750 -22.17 -2.74 -1.83
N MET A 751 -22.00 -2.07 -0.70
CA MET A 751 -20.68 -1.60 -0.26
C MET A 751 -19.68 -2.76 -0.27
N ARG A 752 -20.09 -3.99 0.11
CA ARG A 752 -19.15 -5.10 -0.02
C ARG A 752 -18.79 -5.33 -1.47
N LEU A 753 -19.80 -5.30 -2.30
CA LEU A 753 -19.67 -5.65 -3.70
C LEU A 753 -18.75 -4.68 -4.44
N ALA A 754 -19.04 -3.38 -4.29
CA ALA A 754 -18.12 -2.38 -4.81
C ALA A 754 -16.68 -2.71 -4.43
N LEU A 755 -16.45 -3.04 -3.15
CA LEU A 755 -15.08 -3.11 -2.62
C LEU A 755 -14.23 -4.10 -3.43
N ALA A 756 -14.75 -5.32 -3.58
CA ALA A 756 -14.15 -6.30 -4.47
C ALA A 756 -13.88 -5.75 -5.87
N ASP A 757 -14.66 -4.75 -6.29
CA ASP A 757 -14.54 -4.18 -7.62
C ASP A 757 -13.86 -2.81 -7.63
N ALA A 758 -12.78 -2.65 -6.86
CA ALA A 758 -12.04 -1.39 -6.87
C ALA A 758 -10.62 -1.54 -7.41
N GLY A 759 -9.83 -2.36 -6.76
CA GLY A 759 -8.47 -2.57 -7.18
C GLY A 759 -8.11 -3.93 -6.64
N ASP A 760 -7.15 -4.54 -7.30
CA ASP A 760 -6.46 -5.66 -6.67
C ASP A 760 -4.99 -5.72 -7.02
N THR A 761 -4.49 -4.73 -7.74
CA THR A 761 -3.08 -4.48 -7.65
C THR A 761 -2.73 -3.96 -6.26
N VAL A 762 -1.44 -3.67 -6.13
CA VAL A 762 -0.89 -2.77 -5.15
C VAL A 762 -1.27 -1.32 -5.44
N GLU A 763 -1.54 -0.97 -6.71
CA GLU A 763 -1.87 0.41 -7.05
C GLU A 763 -3.20 0.83 -6.43
N ASP A 764 -3.28 2.11 -6.02
CA ASP A 764 -4.44 2.60 -5.27
C ASP A 764 -5.73 2.11 -5.92
N ALA A 765 -6.68 1.69 -5.10
CA ALA A 765 -7.97 1.24 -5.58
C ALA A 765 -8.91 2.42 -5.77
N ASN A 766 -10.06 2.16 -6.36
CA ASN A 766 -11.05 3.22 -6.59
C ASN A 766 -12.41 2.68 -6.16
N PHE A 767 -12.91 3.12 -5.01
CA PHE A 767 -14.31 2.91 -4.67
C PHE A 767 -15.10 3.96 -5.42
N VAL A 768 -16.12 3.55 -6.19
CA VAL A 768 -16.90 4.54 -6.95
C VAL A 768 -18.37 4.40 -6.56
N GLU A 769 -18.81 5.27 -5.66
CA GLU A 769 -20.23 5.47 -5.34
C GLU A 769 -21.11 5.23 -6.54
N ALA A 770 -20.84 5.98 -7.62
CA ALA A 770 -21.61 5.84 -8.84
C ALA A 770 -21.71 4.37 -9.24
N MET A 771 -20.70 3.57 -8.89
CA MET A 771 -20.84 2.14 -9.15
C MET A 771 -21.36 1.40 -7.93
N ALA A 772 -21.09 1.91 -6.72
CA ALA A 772 -21.69 1.35 -5.51
C ALA A 772 -23.20 1.19 -5.67
N ASP A 773 -23.84 2.25 -6.16
CA ASP A 773 -25.24 2.22 -6.52
C ASP A 773 -25.50 1.37 -7.76
N ALA A 774 -24.51 1.12 -8.65
CA ALA A 774 -24.80 0.22 -9.77
C ALA A 774 -25.19 -1.17 -9.27
N GLY A 775 -24.46 -1.68 -8.26
CA GLY A 775 -24.76 -2.94 -7.60
C GLY A 775 -26.17 -3.04 -7.03
N ILE A 776 -26.51 -2.20 -6.04
CA ILE A 776 -27.81 -2.24 -5.38
C ILE A 776 -28.91 -2.33 -6.42
N LEU A 777 -28.59 -1.99 -7.66
CA LEU A 777 -29.59 -2.18 -8.70
C LEU A 777 -29.52 -3.61 -9.25
N ARG A 778 -28.39 -3.95 -9.86
CA ARG A 778 -28.28 -5.23 -10.52
C ARG A 778 -28.52 -6.37 -9.54
N LEU A 779 -28.30 -6.11 -8.23
CA LEU A 779 -28.59 -7.11 -7.19
C LEU A 779 -30.11 -7.34 -7.03
N TYR A 780 -30.85 -6.25 -6.85
CA TYR A 780 -32.29 -6.34 -6.70
C TYR A 780 -32.98 -6.82 -7.98
N THR A 781 -32.49 -6.39 -9.13
CA THR A 781 -33.07 -6.85 -10.38
C THR A 781 -32.78 -8.32 -10.61
N TRP A 782 -31.76 -8.87 -9.93
CA TRP A 782 -31.57 -10.33 -9.90
C TRP A 782 -32.58 -10.98 -8.95
N VAL A 783 -32.72 -10.49 -7.72
CA VAL A 783 -33.68 -11.11 -6.83
C VAL A 783 -35.08 -11.15 -7.47
N GLU A 784 -35.56 -10.01 -7.97
CA GLU A 784 -36.92 -10.07 -8.56
C GLU A 784 -36.99 -10.83 -9.89
N TRP A 785 -35.87 -11.39 -10.36
CA TRP A 785 -35.91 -12.41 -11.42
C TRP A 785 -36.00 -13.80 -10.85
N VAL A 786 -35.34 -14.03 -9.72
CA VAL A 786 -35.46 -15.32 -9.06
C VAL A 786 -36.88 -15.49 -8.54
N LYS A 787 -37.48 -14.39 -8.08
CA LYS A 787 -38.87 -14.46 -7.63
C LYS A 787 -39.77 -14.76 -8.80
N GLU A 788 -39.33 -14.37 -9.99
CA GLU A 788 -40.09 -14.58 -11.23
C GLU A 788 -40.14 -16.05 -11.60
N MET A 789 -39.01 -16.74 -11.53
CA MET A 789 -39.03 -18.17 -11.85
C MET A 789 -39.73 -18.95 -10.73
N VAL A 790 -39.51 -18.59 -9.48
CA VAL A 790 -40.15 -19.38 -8.41
C VAL A 790 -41.66 -19.08 -8.39
N ALA A 791 -42.06 -18.22 -9.33
CA ALA A 791 -43.43 -17.92 -9.63
C ALA A 791 -43.94 -18.62 -10.87
N ASN A 792 -43.04 -19.14 -11.69
CA ASN A 792 -43.41 -19.59 -13.04
C ASN A 792 -42.70 -20.89 -13.44
N TRP A 793 -42.77 -21.89 -12.54
CA TRP A 793 -42.29 -23.22 -12.88
C TRP A 793 -43.10 -23.77 -14.01
N ASP A 794 -44.39 -23.49 -13.97
CA ASP A 794 -45.34 -23.98 -14.96
C ASP A 794 -44.92 -23.63 -16.39
N SER A 795 -43.99 -22.69 -16.59
CA SER A 795 -43.65 -22.26 -17.95
C SER A 795 -42.18 -22.45 -18.33
N LEU A 796 -41.42 -23.22 -17.58
CA LEU A 796 -40.04 -23.56 -17.95
C LEU A 796 -39.99 -25.00 -18.45
N ARG A 797 -39.40 -25.21 -19.64
CA ARG A 797 -39.52 -26.50 -20.32
C ARG A 797 -38.83 -27.63 -19.56
N SER A 798 -39.51 -28.81 -19.54
CA SER A 798 -39.20 -29.92 -18.67
C SER A 798 -38.40 -30.96 -19.46
N GLY A 799 -38.10 -32.09 -18.84
CA GLY A 799 -37.52 -33.19 -19.58
C GLY A 799 -36.03 -33.12 -19.91
N PRO A 800 -35.68 -33.18 -21.21
CA PRO A 800 -34.27 -33.14 -21.63
C PRO A 800 -33.71 -31.75 -21.94
N ALA A 801 -32.48 -31.51 -21.46
CA ALA A 801 -31.80 -30.21 -21.63
C ALA A 801 -30.80 -30.32 -22.77
N SER A 802 -31.34 -30.18 -23.96
CA SER A 802 -30.73 -30.66 -25.18
C SER A 802 -30.77 -29.66 -26.33
N THR A 803 -31.52 -28.55 -26.19
CA THR A 803 -31.65 -27.52 -27.22
C THR A 803 -30.25 -27.04 -27.56
N PHE A 804 -30.06 -26.40 -28.73
CA PHE A 804 -28.69 -26.05 -29.04
C PHE A 804 -28.16 -25.07 -28.01
N ASN A 805 -28.99 -24.12 -27.54
CA ASN A 805 -28.46 -23.10 -26.65
C ASN A 805 -28.26 -23.64 -25.26
N ASP A 806 -29.05 -24.65 -24.85
CA ASP A 806 -28.89 -25.32 -23.57
C ASP A 806 -27.45 -25.79 -23.50
N ARG A 807 -27.15 -26.73 -24.38
CA ARG A 807 -25.79 -27.18 -24.62
C ARG A 807 -24.79 -26.03 -24.70
N VAL A 808 -25.17 -24.93 -25.35
CA VAL A 808 -24.33 -23.72 -25.33
C VAL A 808 -24.18 -23.19 -23.90
N PHE A 809 -25.32 -22.98 -23.22
CA PHE A 809 -25.31 -22.30 -21.93
C PHE A 809 -24.70 -23.18 -20.85
N ALA A 810 -25.05 -24.47 -20.82
CA ALA A 810 -24.47 -25.37 -19.82
C ALA A 810 -22.94 -25.33 -19.85
N SER A 811 -22.34 -25.66 -21.00
CA SER A 811 -20.89 -25.58 -21.13
C SER A 811 -20.39 -24.16 -21.14
N GLU A 812 -21.27 -23.15 -21.19
CA GLU A 812 -20.85 -21.77 -20.89
C GLU A 812 -20.70 -21.59 -19.39
N LEU A 813 -21.74 -21.99 -18.67
CA LEU A 813 -21.76 -21.80 -17.23
C LEU A 813 -20.61 -22.58 -16.58
N ASN A 814 -20.50 -23.85 -16.90
CA ASN A 814 -19.37 -24.59 -16.38
C ASN A 814 -18.02 -23.95 -16.74
N ALA A 815 -17.94 -23.23 -17.86
CA ALA A 815 -16.67 -22.55 -18.19
C ALA A 815 -16.53 -21.25 -17.41
N GLY A 816 -17.66 -20.71 -16.98
CA GLY A 816 -17.69 -19.63 -16.02
C GLY A 816 -17.11 -20.12 -14.73
N ILE A 817 -17.82 -21.03 -14.03
CA ILE A 817 -17.49 -21.40 -12.64
C ILE A 817 -15.99 -21.39 -12.51
N ILE A 818 -15.37 -22.09 -13.46
CA ILE A 818 -13.95 -22.35 -13.50
C ILE A 818 -13.15 -21.05 -13.44
N LYS A 819 -13.36 -20.14 -14.40
CA LYS A 819 -12.62 -18.87 -14.43
C LYS A 819 -12.68 -18.19 -13.06
N THR A 820 -13.86 -18.28 -12.42
CA THR A 820 -14.13 -17.72 -11.10
C THR A 820 -13.42 -18.47 -9.99
N ASP A 821 -13.32 -19.80 -10.07
CA ASP A 821 -12.35 -20.49 -9.23
C ASP A 821 -10.95 -19.95 -9.49
N GLN A 822 -10.54 -19.85 -10.74
CA GLN A 822 -9.15 -19.46 -10.97
C GLN A 822 -8.91 -18.03 -10.50
N ASN A 823 -9.79 -17.12 -10.89
CA ASN A 823 -9.62 -15.76 -10.40
C ASN A 823 -9.71 -15.70 -8.86
N TYR A 824 -10.52 -16.53 -8.21
CA TYR A 824 -10.65 -16.38 -6.77
C TYR A 824 -9.35 -16.72 -6.10
N GLU A 825 -8.75 -17.82 -6.52
CA GLU A 825 -7.57 -18.35 -5.85
C GLU A 825 -6.38 -17.44 -6.03
N LYS A 826 -6.22 -16.84 -7.20
CA LYS A 826 -5.21 -15.79 -7.33
C LYS A 826 -5.57 -14.50 -6.56
N MET A 827 -6.71 -14.48 -5.87
CA MET A 827 -7.13 -13.34 -5.06
C MET A 827 -7.09 -12.10 -5.95
N MET A 828 -7.86 -12.15 -7.05
CA MET A 828 -8.03 -10.99 -7.91
C MET A 828 -9.51 -10.72 -7.84
N PHE A 829 -9.94 -10.13 -6.74
CA PHE A 829 -11.37 -10.12 -6.55
C PHE A 829 -12.06 -9.19 -7.52
N LYS A 830 -11.30 -8.31 -8.20
CA LYS A 830 -11.87 -7.56 -9.32
C LYS A 830 -12.47 -8.50 -10.33
N GLU A 831 -11.69 -9.54 -10.66
CA GLU A 831 -11.96 -10.48 -11.73
C GLU A 831 -12.85 -11.59 -11.26
N ALA A 832 -12.59 -12.09 -10.06
CA ALA A 832 -13.54 -13.02 -9.50
C ALA A 832 -14.94 -12.46 -9.62
N LEU A 833 -15.12 -11.13 -9.44
CA LEU A 833 -16.45 -10.57 -9.58
C LEU A 833 -16.81 -10.46 -11.05
N LYS A 834 -15.88 -9.95 -11.88
CA LYS A 834 -16.10 -9.82 -13.31
C LYS A 834 -16.62 -11.11 -13.91
N THR A 835 -15.88 -12.20 -13.72
CA THR A 835 -16.30 -13.49 -14.25
C THR A 835 -17.52 -14.04 -13.53
N GLY A 836 -17.68 -13.70 -12.25
CA GLY A 836 -18.63 -14.37 -11.38
C GLY A 836 -20.02 -13.77 -11.34
N PHE A 837 -20.12 -12.47 -11.58
CA PHE A 837 -21.42 -11.84 -11.70
C PHE A 837 -21.69 -11.28 -13.10
N PHE A 838 -20.93 -10.26 -13.51
CA PHE A 838 -21.18 -9.60 -14.81
C PHE A 838 -21.14 -10.57 -15.98
N GLU A 839 -20.19 -11.49 -15.97
CA GLU A 839 -20.12 -12.50 -17.00
C GLU A 839 -21.06 -13.67 -16.74
N PHE A 840 -21.42 -13.96 -15.47
CA PHE A 840 -22.46 -14.96 -15.26
C PHE A 840 -23.85 -14.47 -15.64
N GLN A 841 -24.16 -13.19 -15.35
CA GLN A 841 -25.40 -12.65 -15.87
C GLN A 841 -25.36 -12.61 -17.40
N ALA A 842 -24.16 -12.39 -17.95
CA ALA A 842 -23.97 -12.30 -19.40
C ALA A 842 -24.54 -13.50 -20.12
N ALA A 843 -24.39 -14.70 -19.55
CA ALA A 843 -24.99 -15.87 -20.14
C ALA A 843 -26.47 -15.99 -19.80
N LYS A 844 -26.86 -16.00 -18.51
CA LYS A 844 -28.29 -16.04 -18.24
C LYS A 844 -29.01 -15.05 -19.11
N ASP A 845 -28.39 -13.90 -19.37
CA ASP A 845 -29.09 -12.88 -20.14
C ASP A 845 -29.03 -13.09 -21.68
N LYS A 846 -27.98 -13.72 -22.23
CA LYS A 846 -28.06 -14.26 -23.60
C LYS A 846 -29.06 -15.39 -23.69
N TYR A 847 -28.88 -16.42 -22.85
CA TYR A 847 -29.69 -17.64 -22.88
C TYR A 847 -31.18 -17.34 -22.92
N ARG A 848 -31.60 -16.22 -22.30
CA ARG A 848 -33.02 -15.91 -22.26
C ARG A 848 -33.52 -15.45 -23.62
N GLU A 849 -32.71 -14.68 -24.35
CA GLU A 849 -33.13 -14.23 -25.66
C GLU A 849 -32.82 -15.29 -26.71
N LEU A 850 -31.54 -15.69 -26.80
CA LEU A 850 -31.05 -16.65 -27.79
C LEU A 850 -31.87 -17.92 -27.85
N ALA A 851 -32.63 -18.22 -26.81
CA ALA A 851 -33.47 -19.41 -26.78
C ALA A 851 -34.91 -18.92 -26.72
N VAL A 852 -35.51 -18.75 -27.90
CA VAL A 852 -36.93 -18.48 -27.92
C VAL A 852 -37.72 -19.75 -27.61
N GLU A 853 -37.06 -20.94 -27.62
CA GLU A 853 -37.62 -22.26 -27.27
C GLU A 853 -38.06 -22.40 -25.74
N GLY A 854 -37.95 -21.34 -24.94
CA GLY A 854 -38.24 -21.35 -23.51
C GLY A 854 -37.08 -21.89 -22.72
N MET A 855 -36.59 -21.14 -21.72
CA MET A 855 -35.41 -21.59 -20.97
C MET A 855 -35.78 -22.85 -20.22
N HIS A 856 -34.82 -23.78 -20.15
CA HIS A 856 -35.06 -25.06 -19.48
C HIS A 856 -35.20 -24.91 -17.96
N ARG A 857 -36.12 -25.68 -17.33
CA ARG A 857 -36.24 -25.58 -15.87
C ARG A 857 -34.93 -26.00 -15.15
N GLU A 858 -34.59 -27.29 -15.13
CA GLU A 858 -33.54 -27.80 -14.24
C GLU A 858 -32.12 -27.40 -14.68
N LEU A 859 -32.05 -26.50 -15.67
CA LEU A 859 -30.90 -25.66 -15.99
C LEU A 859 -31.15 -24.18 -15.67
N VAL A 860 -32.33 -23.78 -15.20
CA VAL A 860 -32.41 -22.48 -14.51
C VAL A 860 -31.98 -22.66 -13.07
N PHE A 861 -32.64 -23.54 -12.34
CA PHE A 861 -32.26 -23.71 -10.96
C PHE A 861 -30.77 -24.03 -10.83
N ARG A 862 -30.18 -24.66 -11.83
CA ARG A 862 -28.73 -24.75 -11.78
C ARG A 862 -28.14 -23.37 -11.64
N PHE A 863 -28.47 -22.48 -12.58
CA PHE A 863 -27.82 -21.18 -12.62
C PHE A 863 -28.06 -20.42 -11.32
N ILE A 864 -29.30 -20.38 -10.85
CA ILE A 864 -29.59 -19.60 -9.65
C ILE A 864 -28.76 -20.11 -8.49
N GLU A 865 -28.60 -21.42 -8.41
CA GLU A 865 -27.75 -22.02 -7.40
C GLU A 865 -26.29 -21.62 -7.61
N VAL A 866 -25.71 -22.00 -8.76
CA VAL A 866 -24.28 -21.81 -8.93
C VAL A 866 -23.94 -20.34 -8.85
N GLN A 867 -24.83 -19.44 -9.30
CA GLN A 867 -24.54 -18.01 -9.23
C GLN A 867 -24.64 -17.51 -7.79
N THR A 868 -25.68 -17.90 -7.05
CA THR A 868 -25.72 -17.64 -5.61
C THR A 868 -24.42 -18.07 -4.94
N LEU A 869 -23.86 -19.19 -5.37
CA LEU A 869 -22.74 -19.77 -4.65
C LEU A 869 -21.43 -19.07 -4.98
N LEU A 870 -21.31 -18.48 -6.16
CA LEU A 870 -20.15 -17.64 -6.40
C LEU A 870 -20.25 -16.35 -5.62
N LEU A 871 -21.46 -15.86 -5.41
CA LEU A 871 -21.58 -14.58 -4.76
C LEU A 871 -21.42 -14.64 -3.26
N ALA A 872 -21.48 -15.82 -2.63
CA ALA A 872 -21.40 -15.94 -1.17
C ALA A 872 -20.35 -15.01 -0.55
N PRO A 873 -19.08 -15.04 -0.96
CA PRO A 873 -18.10 -14.17 -0.31
C PRO A 873 -18.28 -12.71 -0.67
N PHE A 874 -18.92 -12.38 -1.78
CA PHE A 874 -19.18 -10.97 -2.05
C PHE A 874 -20.38 -10.44 -1.31
N CYS A 875 -21.40 -11.26 -1.10
CA CYS A 875 -22.66 -10.82 -0.51
C CYS A 875 -23.20 -12.00 0.26
N PRO A 876 -22.67 -12.28 1.43
CA PRO A 876 -23.16 -13.44 2.15
C PRO A 876 -24.60 -13.27 2.59
N HIS A 877 -25.13 -12.03 2.56
CA HIS A 877 -26.44 -11.74 3.17
C HIS A 877 -27.55 -11.98 2.19
N LEU A 878 -27.55 -11.23 1.07
CA LEU A 878 -28.27 -11.66 -0.13
C LEU A 878 -28.28 -13.16 -0.32
N CYS A 879 -27.10 -13.75 -0.56
CA CYS A 879 -27.09 -15.15 -0.94
C CYS A 879 -27.77 -16.02 0.09
N GLU A 880 -27.59 -15.73 1.36
CA GLU A 880 -28.29 -16.55 2.35
C GLU A 880 -29.81 -16.34 2.29
N HIS A 881 -30.26 -15.11 1.99
CA HIS A 881 -31.69 -14.85 1.81
C HIS A 881 -32.25 -15.70 0.68
N ILE A 882 -31.50 -15.79 -0.42
CA ILE A 882 -31.78 -16.74 -1.48
C ILE A 882 -31.82 -18.18 -0.92
N TRP A 883 -30.72 -18.62 -0.29
CA TRP A 883 -30.56 -20.04 0.07
C TRP A 883 -31.75 -20.58 0.86
N THR A 884 -32.24 -19.82 1.85
CA THR A 884 -33.42 -20.30 2.57
C THR A 884 -34.64 -20.39 1.63
N LEU A 885 -34.75 -19.46 0.66
CA LEU A 885 -35.87 -19.42 -0.27
C LEU A 885 -35.76 -20.37 -1.44
N LEU A 886 -34.62 -21.06 -1.62
CA LEU A 886 -34.53 -22.28 -2.41
C LEU A 886 -34.71 -23.50 -1.52
N GLY A 887 -35.10 -23.26 -0.28
CA GLY A 887 -35.55 -24.27 0.65
C GLY A 887 -34.48 -25.11 1.30
N LYS A 888 -33.20 -24.88 1.01
CA LYS A 888 -32.20 -25.58 1.79
C LYS A 888 -32.40 -25.24 3.26
N PRO A 889 -32.41 -26.22 4.15
CA PRO A 889 -32.60 -25.99 5.60
C PRO A 889 -31.34 -25.77 6.43
N ASP A 890 -30.13 -25.69 5.82
CA ASP A 890 -28.87 -25.27 6.45
C ASP A 890 -28.53 -23.81 6.07
N SER A 891 -27.30 -23.38 6.39
CA SER A 891 -26.86 -22.03 6.11
C SER A 891 -25.73 -22.02 5.07
N ILE A 892 -25.74 -20.97 4.26
CA ILE A 892 -24.91 -20.89 3.06
C ILE A 892 -23.41 -20.76 3.34
N MET A 893 -22.99 -20.64 4.62
CA MET A 893 -21.55 -20.80 4.86
C MET A 893 -21.17 -22.26 5.09
N ASN A 894 -22.17 -23.13 5.10
CA ASN A 894 -21.97 -24.57 4.98
C ASN A 894 -22.01 -25.05 3.54
N ALA A 895 -21.60 -24.25 2.59
CA ALA A 895 -21.78 -24.68 1.22
C ALA A 895 -20.44 -25.16 0.67
N SER A 896 -20.52 -25.76 -0.50
CA SER A 896 -19.35 -26.33 -1.15
C SER A 896 -19.25 -25.74 -2.56
N TRP A 897 -18.02 -25.61 -3.06
CA TRP A 897 -17.72 -25.05 -4.37
C TRP A 897 -18.44 -25.85 -5.44
N PRO A 898 -19.32 -25.22 -6.24
CA PRO A 898 -20.00 -26.01 -7.28
C PRO A 898 -19.06 -26.37 -8.39
N VAL A 899 -18.63 -27.63 -8.32
CA VAL A 899 -17.69 -28.14 -9.28
C VAL A 899 -18.37 -28.14 -10.65
N ALA A 900 -17.61 -27.80 -11.68
CA ALA A 900 -18.19 -27.51 -12.98
C ALA A 900 -18.23 -28.75 -13.87
N GLY A 901 -19.34 -28.94 -14.60
CA GLY A 901 -19.42 -29.93 -15.66
C GLY A 901 -18.39 -29.70 -16.75
N PRO A 902 -18.31 -30.59 -17.74
CA PRO A 902 -17.29 -30.43 -18.78
C PRO A 902 -17.62 -29.19 -19.57
N VAL A 903 -16.62 -28.70 -20.27
CA VAL A 903 -16.81 -27.57 -21.16
C VAL A 903 -16.78 -28.07 -22.59
N ASN A 904 -17.77 -27.68 -23.39
CA ASN A 904 -17.80 -28.03 -24.82
C ASN A 904 -17.25 -26.83 -25.58
N GLU A 905 -15.94 -26.70 -25.60
CA GLU A 905 -15.45 -25.43 -26.12
C GLU A 905 -15.68 -25.25 -27.61
N VAL A 906 -15.89 -26.32 -28.39
CA VAL A 906 -16.41 -26.06 -29.72
C VAL A 906 -17.74 -25.37 -29.59
N LEU A 907 -18.49 -25.68 -28.52
CA LEU A 907 -19.84 -25.14 -28.29
C LEU A 907 -19.82 -23.71 -27.78
N ILE A 908 -18.65 -23.20 -27.39
CA ILE A 908 -18.53 -21.78 -27.08
C ILE A 908 -18.03 -21.10 -28.34
N HIS A 909 -16.90 -21.58 -28.88
CA HIS A 909 -16.30 -21.02 -30.08
C HIS A 909 -17.31 -20.98 -31.21
N SER A 910 -18.39 -21.75 -31.10
CA SER A 910 -19.49 -21.64 -32.06
C SER A 910 -20.45 -20.51 -31.68
N SER A 911 -20.90 -20.51 -30.41
CA SER A 911 -21.94 -19.55 -30.06
C SER A 911 -21.44 -18.13 -30.12
N GLN A 912 -20.11 -17.95 -30.17
CA GLN A 912 -19.55 -16.63 -30.39
C GLN A 912 -19.82 -16.23 -31.81
N TYR A 913 -20.04 -17.21 -32.68
CA TYR A 913 -20.31 -16.87 -34.08
C TYR A 913 -21.70 -16.27 -34.24
N LEU A 914 -22.69 -16.73 -33.46
CA LEU A 914 -24.00 -16.08 -33.63
C LEU A 914 -24.14 -14.79 -32.83
N MET A 915 -23.95 -14.84 -31.50
CA MET A 915 -23.86 -13.65 -30.64
C MET A 915 -22.89 -12.59 -31.18
N GLU A 916 -22.03 -12.97 -32.14
CA GLU A 916 -21.25 -11.98 -32.91
C GLU A 916 -21.98 -11.37 -34.09
N VAL A 917 -22.24 -12.15 -35.16
CA VAL A 917 -22.76 -11.50 -36.36
C VAL A 917 -24.17 -10.99 -36.17
N THR A 918 -24.90 -11.47 -35.18
CA THR A 918 -26.21 -10.85 -34.99
C THR A 918 -26.04 -9.39 -34.56
N HIS A 919 -25.08 -9.10 -33.67
CA HIS A 919 -24.65 -7.73 -33.37
C HIS A 919 -23.95 -7.06 -34.57
N ASP A 920 -23.80 -7.76 -35.70
CA ASP A 920 -23.22 -7.21 -36.92
C ASP A 920 -24.29 -6.61 -37.82
N LEU A 921 -25.12 -7.44 -38.40
CA LEU A 921 -26.00 -6.93 -39.44
C LEU A 921 -27.12 -6.05 -38.89
N ARG A 922 -27.18 -5.90 -37.55
CA ARG A 922 -27.95 -4.80 -37.00
C ARG A 922 -27.32 -3.45 -37.32
N LEU A 923 -26.20 -3.42 -38.05
CA LEU A 923 -25.57 -2.19 -38.56
C LEU A 923 -25.94 -1.90 -40.01
N ARG A 924 -25.69 -2.84 -40.94
CA ARG A 924 -26.13 -2.68 -42.32
C ARG A 924 -27.60 -2.33 -42.41
N LEU A 925 -28.36 -2.48 -41.31
CA LEU A 925 -29.80 -2.36 -41.41
C LEU A 925 -30.24 -0.90 -41.37
N LYS A 926 -29.82 -0.14 -40.34
CA LYS A 926 -30.41 1.17 -40.05
C LYS A 926 -30.24 2.20 -41.19
N ASN A 927 -29.50 1.83 -42.24
CA ASN A 927 -29.59 2.56 -43.50
C ASN A 927 -31.03 2.58 -44.02
N TYR A 928 -31.58 1.40 -44.23
CA TYR A 928 -32.96 1.23 -44.69
C TYR A 928 -33.64 0.01 -44.09
N PRO A 945 -35.98 -3.18 -44.62
CA PRO A 945 -36.79 -3.79 -45.66
C PRO A 945 -37.88 -4.67 -45.06
N SER A 946 -38.22 -5.72 -45.80
CA SER A 946 -39.04 -6.85 -45.36
C SER A 946 -38.36 -8.20 -45.57
N HIS A 947 -37.80 -8.41 -46.76
CA HIS A 947 -37.37 -9.73 -47.21
C HIS A 947 -35.85 -9.77 -47.32
N CYS A 948 -35.26 -10.75 -46.64
CA CYS A 948 -33.86 -10.79 -46.30
C CYS A 948 -33.19 -12.05 -46.88
N THR A 949 -31.85 -12.03 -46.98
CA THR A 949 -31.03 -13.07 -47.63
C THR A 949 -29.69 -13.13 -46.88
N ILE A 950 -29.04 -14.31 -46.84
CA ILE A 950 -27.71 -14.40 -46.19
C ILE A 950 -26.79 -15.44 -46.84
N TYR A 951 -25.53 -15.06 -46.94
CA TYR A 951 -24.56 -15.75 -47.78
C TYR A 951 -23.33 -16.14 -46.95
N VAL A 952 -22.84 -17.36 -47.18
CA VAL A 952 -21.78 -18.04 -46.42
C VAL A 952 -20.75 -18.57 -47.41
N ALA A 953 -19.83 -19.46 -46.99
CA ALA A 953 -18.92 -20.09 -47.95
C ALA A 953 -18.48 -21.49 -47.51
N LYS A 954 -18.20 -22.35 -48.50
CA LYS A 954 -17.81 -23.72 -48.19
C LYS A 954 -16.34 -23.77 -47.80
N ASN A 955 -15.43 -23.49 -48.74
CA ASN A 955 -14.03 -23.20 -48.46
C ASN A 955 -13.76 -21.75 -48.90
N TYR A 956 -12.53 -21.27 -48.60
CA TYR A 956 -12.16 -19.87 -48.76
C TYR A 956 -12.04 -19.51 -50.25
N PRO A 957 -12.60 -18.38 -50.65
CA PRO A 957 -12.52 -17.94 -52.06
C PRO A 957 -11.09 -17.79 -52.56
N PRO A 958 -10.89 -17.59 -53.91
CA PRO A 958 -9.58 -17.90 -54.50
C PRO A 958 -8.43 -17.16 -53.84
N TRP A 959 -8.50 -15.83 -53.97
CA TRP A 959 -7.45 -14.95 -53.52
C TRP A 959 -7.15 -15.15 -52.04
N GLN A 960 -8.19 -15.35 -51.23
CA GLN A 960 -7.97 -15.60 -49.81
C GLN A 960 -8.09 -17.08 -49.48
N HIS A 961 -7.60 -17.96 -50.35
CA HIS A 961 -7.11 -19.26 -49.91
C HIS A 961 -5.62 -19.44 -50.17
N THR A 962 -4.99 -18.50 -50.86
CA THR A 962 -3.54 -18.44 -50.92
C THR A 962 -2.96 -17.24 -50.20
N THR A 963 -3.76 -16.19 -49.95
CA THR A 963 -3.43 -15.37 -48.79
C THR A 963 -3.29 -16.30 -47.61
N LEU A 964 -4.41 -16.81 -47.12
CA LEU A 964 -4.56 -17.57 -45.86
C LEU A 964 -3.82 -18.90 -45.89
N SER A 965 -3.60 -19.49 -47.06
CA SER A 965 -2.94 -20.81 -47.04
C SER A 965 -1.54 -20.70 -46.42
N VAL A 966 -0.79 -19.66 -46.76
CA VAL A 966 0.58 -19.60 -46.20
C VAL A 966 0.78 -18.35 -45.34
N LEU A 967 -0.27 -17.55 -45.13
CA LEU A 967 -0.18 -16.43 -44.17
C LEU A 967 0.28 -17.11 -42.88
N ARG A 968 -0.21 -18.35 -42.70
CA ARG A 968 0.43 -19.30 -41.81
C ARG A 968 1.93 -19.15 -41.87
N LYS A 969 2.48 -19.12 -43.09
CA LYS A 969 3.89 -19.37 -43.38
C LYS A 969 4.75 -18.79 -42.30
N HIS A 970 4.39 -17.59 -41.88
CA HIS A 970 5.18 -16.85 -40.91
C HIS A 970 4.65 -17.01 -39.47
N PHE A 971 4.10 -18.19 -39.12
CA PHE A 971 4.00 -18.54 -37.71
C PHE A 971 4.36 -19.99 -37.36
N GLU A 972 4.20 -20.98 -38.25
CA GLU A 972 4.60 -22.34 -37.89
C GLU A 972 6.12 -22.52 -37.94
N ALA A 973 6.80 -21.69 -38.74
CA ALA A 973 8.25 -21.59 -38.74
C ALA A 973 8.69 -20.22 -38.20
N ASN A 974 7.89 -19.63 -37.25
CA ASN A 974 8.21 -18.39 -36.53
C ASN A 974 8.07 -18.45 -35.01
N ASN A 975 7.04 -19.12 -34.49
CA ASN A 975 6.80 -19.23 -33.04
C ASN A 975 6.83 -17.85 -32.36
N GLY A 976 5.81 -17.04 -32.69
CA GLY A 976 5.55 -15.80 -31.98
C GLY A 976 4.97 -14.62 -32.75
N LYS A 977 5.35 -14.41 -34.02
CA LYS A 977 4.65 -13.46 -34.87
C LYS A 977 5.33 -13.41 -36.24
N LEU A 978 4.64 -12.77 -37.21
CA LEU A 978 5.01 -12.45 -38.59
C LEU A 978 5.76 -11.10 -38.64
N PRO A 979 6.31 -10.66 -39.78
CA PRO A 979 7.07 -9.41 -39.76
C PRO A 979 6.15 -8.23 -40.04
N ASP A 980 6.58 -7.06 -39.55
CA ASP A 980 5.70 -5.92 -39.50
C ASP A 980 5.27 -5.52 -40.92
N ASN A 981 4.32 -4.59 -41.01
CA ASN A 981 3.47 -4.48 -42.20
C ASN A 981 3.98 -3.55 -43.30
N LYS A 982 5.32 -3.51 -43.49
CA LYS A 982 5.93 -3.17 -44.78
C LYS A 982 6.13 -4.39 -45.66
N VAL A 983 6.45 -5.55 -45.06
CA VAL A 983 6.72 -6.79 -45.77
C VAL A 983 5.42 -7.60 -45.77
N ILE A 984 4.27 -6.90 -45.63
CA ILE A 984 2.95 -7.51 -45.79
C ILE A 984 2.57 -7.52 -47.27
N ALA A 985 2.52 -6.35 -47.91
CA ALA A 985 2.26 -6.37 -49.33
C ALA A 985 3.35 -7.11 -50.09
N SER A 986 4.37 -7.59 -49.37
CA SER A 986 5.70 -7.87 -49.87
C SER A 986 5.73 -8.82 -51.03
N GLU A 987 5.37 -10.07 -50.80
CA GLU A 987 5.64 -11.04 -51.84
C GLU A 987 4.40 -11.86 -52.21
N LEU A 988 3.27 -11.28 -51.79
CA LEU A 988 1.88 -11.72 -52.08
C LEU A 988 1.45 -10.81 -53.23
N GLY A 989 1.84 -9.53 -53.15
CA GLY A 989 1.67 -8.60 -54.28
C GLY A 989 2.32 -9.31 -55.44
N SER A 990 3.54 -9.80 -55.19
CA SER A 990 4.18 -10.72 -56.11
C SER A 990 3.33 -11.96 -56.42
N MET A 991 2.04 -11.94 -56.16
CA MET A 991 1.53 -13.24 -56.57
C MET A 991 0.99 -13.19 -57.99
N PRO A 992 1.17 -14.30 -58.73
CA PRO A 992 0.47 -14.45 -60.03
C PRO A 992 -1.05 -14.28 -59.93
N GLU A 993 -1.60 -14.30 -58.72
CA GLU A 993 -3.03 -14.25 -58.45
C GLU A 993 -3.50 -12.90 -57.92
N LEU A 994 -2.80 -12.34 -56.93
CA LEU A 994 -3.37 -11.29 -56.09
C LEU A 994 -2.97 -9.87 -56.44
N LYS A 995 -2.17 -9.66 -57.50
CA LYS A 995 -2.01 -8.35 -58.13
C LYS A 995 -3.37 -7.67 -58.34
N LYS A 996 -4.44 -8.47 -58.53
CA LYS A 996 -5.78 -7.97 -58.82
C LYS A 996 -6.44 -7.28 -57.63
N TYR A 997 -6.34 -7.88 -56.44
CA TYR A 997 -6.97 -7.34 -55.24
C TYR A 997 -5.93 -6.94 -54.22
N MET A 998 -4.69 -6.72 -54.67
CA MET A 998 -3.55 -6.42 -53.79
C MET A 998 -3.74 -5.15 -52.98
N LYS A 999 -4.85 -4.43 -53.21
CA LYS A 999 -5.24 -3.27 -52.42
C LYS A 999 -6.17 -3.61 -51.24
N LYS A 1000 -6.99 -4.68 -51.35
CA LYS A 1000 -7.85 -5.16 -50.26
C LYS A 1000 -7.28 -6.34 -49.50
N VAL A 1001 -6.23 -7.00 -50.00
CA VAL A 1001 -5.74 -8.20 -49.34
C VAL A 1001 -5.24 -7.89 -47.93
N MET A 1002 -4.48 -6.77 -47.74
CA MET A 1002 -3.95 -6.45 -46.40
C MET A 1002 -5.01 -5.84 -45.50
N PRO A 1003 -5.94 -5.00 -46.00
CA PRO A 1003 -7.11 -4.62 -45.16
C PRO A 1003 -7.86 -5.81 -44.56
N PHE A 1004 -8.15 -6.85 -45.36
CA PHE A 1004 -8.69 -8.10 -44.80
C PHE A 1004 -7.64 -8.81 -43.92
N VAL A 1005 -6.35 -8.75 -44.30
CA VAL A 1005 -5.29 -9.29 -43.47
C VAL A 1005 -5.19 -8.53 -42.14
N ALA A 1006 -5.42 -7.21 -42.18
CA ALA A 1006 -5.18 -6.33 -41.03
C ALA A 1006 -6.05 -6.71 -39.83
N MET A 1007 -7.37 -6.70 -40.01
CA MET A 1007 -8.24 -6.84 -38.85
C MET A 1007 -8.38 -8.29 -38.38
N ILE A 1008 -7.98 -9.29 -39.19
CA ILE A 1008 -8.07 -10.67 -38.73
C ILE A 1008 -6.87 -11.07 -37.87
N LYS A 1009 -5.88 -10.17 -37.69
CA LYS A 1009 -4.88 -10.35 -36.64
C LYS A 1009 -5.39 -9.91 -35.28
N GLU A 1010 -6.25 -8.89 -35.22
CA GLU A 1010 -6.71 -8.30 -33.97
C GLU A 1010 -7.70 -9.16 -33.21
N ASN A 1011 -8.28 -10.19 -33.83
CA ASN A 1011 -9.02 -11.24 -33.12
C ASN A 1011 -8.24 -12.56 -33.16
N LEU A 1012 -6.90 -12.47 -33.11
CA LEU A 1012 -6.07 -13.64 -32.85
C LEU A 1012 -5.54 -13.60 -31.43
N GLU A 1013 -5.57 -12.42 -30.79
CA GLU A 1013 -5.44 -12.29 -29.35
C GLU A 1013 -6.79 -12.05 -28.67
N LYS A 1014 -7.89 -12.02 -29.45
CA LYS A 1014 -9.26 -11.90 -28.94
C LYS A 1014 -10.12 -13.15 -29.16
N MET A 1015 -9.76 -14.05 -30.11
CA MET A 1015 -10.46 -15.30 -30.41
C MET A 1015 -9.59 -16.55 -30.19
N GLY A 1016 -8.30 -16.39 -29.92
CA GLY A 1016 -7.40 -17.50 -29.79
C GLY A 1016 -6.52 -17.61 -31.02
N PRO A 1017 -5.75 -18.70 -31.14
CA PRO A 1017 -4.77 -18.83 -32.22
C PRO A 1017 -5.25 -19.52 -33.51
N ARG A 1018 -6.53 -19.84 -33.66
CA ARG A 1018 -6.92 -20.71 -34.77
C ARG A 1018 -7.07 -19.97 -36.08
N ILE A 1019 -7.17 -18.64 -36.06
CA ILE A 1019 -7.92 -17.91 -37.07
C ILE A 1019 -7.25 -18.14 -38.41
N LEU A 1020 -6.11 -18.83 -38.40
CA LEU A 1020 -5.54 -19.30 -39.65
C LEU A 1020 -5.51 -20.83 -39.72
N ASP A 1021 -6.67 -21.44 -39.47
CA ASP A 1021 -6.97 -22.73 -40.04
C ASP A 1021 -7.84 -22.45 -41.28
N LEU A 1022 -7.59 -23.19 -42.38
CA LEU A 1022 -8.39 -23.15 -43.62
C LEU A 1022 -9.73 -23.88 -43.49
N GLN A 1023 -10.04 -24.30 -42.26
CA GLN A 1023 -11.23 -25.03 -41.85
C GLN A 1023 -11.63 -24.52 -40.46
N LEU A 1024 -12.94 -24.48 -40.20
CA LEU A 1024 -13.46 -24.12 -38.89
C LEU A 1024 -13.76 -25.44 -38.14
N GLU A 1025 -14.49 -25.39 -37.03
CA GLU A 1025 -14.71 -26.58 -36.23
C GLU A 1025 -16.17 -27.03 -36.15
N PHE A 1026 -17.09 -26.28 -36.78
CA PHE A 1026 -18.55 -26.42 -36.66
C PHE A 1026 -19.18 -25.93 -37.97
N ASP A 1027 -20.22 -26.63 -38.45
CA ASP A 1027 -20.77 -26.38 -39.79
C ASP A 1027 -21.31 -24.97 -39.87
N GLU A 1028 -20.67 -24.15 -40.73
CA GLU A 1028 -21.02 -22.74 -40.73
C GLU A 1028 -22.53 -22.55 -40.94
N LYS A 1029 -23.14 -23.32 -41.83
CA LYS A 1029 -24.58 -23.14 -41.94
C LYS A 1029 -25.32 -23.73 -40.74
N ALA A 1030 -25.24 -25.05 -40.59
CA ALA A 1030 -26.27 -25.75 -39.82
C ALA A 1030 -26.45 -25.09 -38.47
N VAL A 1031 -25.39 -24.45 -37.98
CA VAL A 1031 -25.46 -23.74 -36.73
C VAL A 1031 -26.20 -22.41 -36.82
N LEU A 1032 -26.67 -22.06 -38.00
CA LEU A 1032 -27.44 -20.82 -38.09
C LEU A 1032 -28.91 -21.10 -38.33
N MET A 1033 -29.22 -22.07 -39.19
CA MET A 1033 -30.57 -22.61 -39.32
C MET A 1033 -31.18 -23.04 -37.98
N GLU A 1034 -30.34 -23.09 -36.91
CA GLU A 1034 -30.76 -23.46 -35.54
C GLU A 1034 -31.33 -22.27 -34.76
N ASN A 1035 -30.93 -21.05 -35.09
CA ASN A 1035 -31.33 -19.86 -34.33
C ASN A 1035 -31.98 -18.82 -35.20
N ILE A 1036 -32.37 -19.22 -36.41
CA ILE A 1036 -32.94 -18.31 -37.40
C ILE A 1036 -34.14 -17.58 -36.82
N VAL A 1037 -34.73 -18.09 -35.75
CA VAL A 1037 -36.01 -17.48 -35.32
C VAL A 1037 -35.75 -16.59 -34.12
N TYR A 1038 -34.55 -16.66 -33.58
CA TYR A 1038 -34.25 -15.56 -32.65
C TYR A 1038 -34.00 -14.44 -33.64
N LEU A 1039 -33.62 -14.81 -34.87
CA LEU A 1039 -33.29 -13.75 -35.80
C LEU A 1039 -34.54 -13.20 -36.45
N THR A 1040 -35.40 -14.06 -36.94
CA THR A 1040 -36.63 -13.55 -37.53
C THR A 1040 -37.63 -13.00 -36.50
N ASN A 1041 -37.22 -12.86 -35.23
CA ASN A 1041 -38.03 -12.26 -34.17
C ASN A 1041 -37.45 -10.95 -33.67
N SER A 1042 -36.21 -10.94 -33.20
CA SER A 1042 -35.63 -9.68 -32.76
C SER A 1042 -35.04 -8.89 -33.93
N LEU A 1043 -35.25 -9.37 -35.16
CA LEU A 1043 -34.99 -8.63 -36.39
C LEU A 1043 -36.25 -8.32 -37.19
N GLU A 1044 -37.37 -8.98 -36.90
CA GLU A 1044 -38.70 -8.56 -37.36
C GLU A 1044 -38.80 -8.45 -38.89
N LEU A 1045 -37.99 -9.22 -39.61
CA LEU A 1045 -38.20 -9.49 -41.03
C LEU A 1045 -38.87 -10.83 -41.18
N GLU A 1046 -39.45 -11.06 -42.35
CA GLU A 1046 -40.30 -12.24 -42.45
C GLU A 1046 -39.51 -13.52 -42.75
N HIS A 1047 -38.94 -13.63 -43.94
CA HIS A 1047 -38.22 -14.83 -44.37
C HIS A 1047 -36.75 -14.43 -44.50
N ILE A 1048 -35.85 -15.41 -44.34
CA ILE A 1048 -34.42 -15.19 -44.56
C ILE A 1048 -33.83 -16.47 -45.14
N GLU A 1049 -33.47 -16.44 -46.42
CA GLU A 1049 -32.83 -17.59 -47.05
C GLU A 1049 -31.37 -17.72 -46.58
N VAL A 1050 -30.82 -18.93 -46.74
CA VAL A 1050 -29.41 -19.17 -46.42
C VAL A 1050 -28.79 -19.86 -47.61
N LYS A 1051 -28.05 -19.12 -48.45
CA LYS A 1051 -27.31 -19.71 -49.57
C LYS A 1051 -25.83 -19.74 -49.23
N PHE A 1052 -25.08 -20.51 -50.04
CA PHE A 1052 -23.64 -20.72 -49.89
C PHE A 1052 -22.78 -19.76 -50.73
N ALA A 1053 -23.39 -18.80 -51.43
CA ALA A 1053 -22.80 -17.61 -52.05
C ALA A 1053 -21.99 -17.91 -53.30
N SER A 1054 -21.77 -19.18 -53.65
CA SER A 1054 -21.35 -19.45 -55.01
C SER A 1054 -22.57 -19.44 -55.93
N GLU A 1055 -23.77 -19.38 -55.31
CA GLU A 1055 -25.02 -19.08 -55.98
C GLU A 1055 -25.34 -17.59 -55.99
N ALA A 1056 -24.52 -16.77 -55.35
CA ALA A 1056 -24.89 -15.39 -55.07
C ALA A 1056 -24.65 -14.48 -56.27
N GLU A 1057 -24.78 -13.18 -56.02
CA GLU A 1057 -24.29 -12.18 -56.94
C GLU A 1057 -22.77 -12.25 -57.00
N ASP A 1058 -22.21 -11.58 -57.99
CA ASP A 1058 -20.78 -11.76 -58.20
C ASP A 1058 -19.95 -10.88 -57.29
N LYS A 1059 -20.48 -9.73 -56.87
CA LYS A 1059 -19.75 -8.82 -55.99
C LYS A 1059 -19.55 -9.37 -54.57
N ILE A 1060 -20.25 -10.44 -54.19
CA ILE A 1060 -19.95 -11.15 -52.95
C ILE A 1060 -19.70 -12.63 -53.17
N ARG A 1061 -19.93 -13.14 -54.38
CA ARG A 1061 -19.44 -14.46 -54.80
C ARG A 1061 -18.01 -14.66 -54.34
N GLU A 1062 -17.21 -13.59 -54.49
CA GLU A 1062 -15.76 -13.66 -54.43
C GLU A 1062 -15.18 -13.22 -53.10
N ASP A 1063 -15.44 -12.00 -52.66
CA ASP A 1063 -14.76 -11.48 -51.47
C ASP A 1063 -15.63 -11.55 -50.20
N CYS A 1064 -16.39 -12.63 -50.03
CA CYS A 1064 -16.85 -13.03 -48.71
C CYS A 1064 -16.35 -14.44 -48.44
N CYS A 1065 -15.86 -14.69 -47.23
CA CYS A 1065 -15.39 -16.04 -46.89
C CYS A 1065 -16.16 -16.61 -45.69
N PRO A 1066 -15.83 -17.81 -45.21
CA PRO A 1066 -16.46 -18.34 -44.00
C PRO A 1066 -16.11 -17.53 -42.74
N GLY A 1067 -17.15 -17.31 -41.91
CA GLY A 1067 -17.09 -16.37 -40.82
C GLY A 1067 -17.47 -14.95 -41.20
N LYS A 1068 -17.60 -14.66 -42.50
CA LYS A 1068 -17.90 -13.31 -42.98
C LYS A 1068 -19.12 -13.38 -43.88
N PRO A 1069 -20.31 -13.31 -43.29
CA PRO A 1069 -21.55 -13.38 -44.09
C PRO A 1069 -22.10 -12.00 -44.44
N LEU A 1070 -22.86 -11.91 -45.54
CA LEU A 1070 -23.47 -10.65 -45.96
C LEU A 1070 -24.90 -10.93 -46.40
N ASN A 1071 -25.64 -9.88 -46.79
CA ASN A 1071 -27.10 -9.88 -46.77
C ASN A 1071 -27.71 -8.91 -47.79
N VAL A 1072 -28.82 -9.31 -48.42
CA VAL A 1072 -29.61 -8.46 -49.34
C VAL A 1072 -30.91 -8.06 -48.62
N PHE A 1073 -31.67 -7.15 -49.24
CA PHE A 1073 -32.91 -6.63 -48.62
C PHE A 1073 -34.03 -6.35 -49.65
#